data_353D
# 
_entry.id   353D 
# 
_audit_conform.dict_name       mmcif_pdbx.dic 
_audit_conform.dict_version    5.375 
_audit_conform.dict_location   http://mmcif.pdb.org/dictionaries/ascii/mmcif_pdbx.dic 
# 
loop_
_database_2.database_id 
_database_2.database_code 
_database_2.pdbx_database_accession 
_database_2.pdbx_DOI 
PDB   353D         pdb_0000353d 10.2210/pdb353d/pdb 
RCSB  URX063       ?            ?                   
WWPDB D_1000178822 ?            ?                   
# 
_pdbx_database_status.status_code                     REL 
_pdbx_database_status.entry_id                        353D 
_pdbx_database_status.recvd_initial_deposition_date   1997-09-29 
_pdbx_database_status.deposit_site                    NDB 
_pdbx_database_status.process_site                    NDB 
_pdbx_database_status.SG_entry                        . 
_pdbx_database_status.status_code_sf                  ? 
_pdbx_database_status.status_code_mr                  ? 
_pdbx_database_status.pdb_format_compatible           Y 
_pdbx_database_status.status_code_cs                  ? 
_pdbx_database_status.methods_development_category    ? 
_pdbx_database_status.status_code_nmr_data            ? 
# 
loop_
_audit_author.name 
_audit_author.pdbx_ordinal 
'Betzel, C.'      1 
'Lorenz, S.'      2 
'Furste, J.P.'    3 
'Bald, R.'        4 
'Zhang, M.'       5 
'Schneider, T.R.' 6 
'Wilson, K.S.'    7 
'Erdmann, V.A.'   8 
# 
loop_
_citation.id 
_citation.title 
_citation.journal_abbrev 
_citation.journal_volume 
_citation.page_first 
_citation.page_last 
_citation.year 
_citation.journal_id_ASTM 
_citation.country 
_citation.journal_id_ISSN 
_citation.journal_id_CSD 
_citation.book_publisher 
_citation.pdbx_database_id_PubMed 
_citation.pdbx_database_id_DOI 
primary 'Crystal structure of domain A of Thermus flavus 5S rRNA and the contribution of water molecules to its structure.' 
'FEBS Lett.'               351 159 164 1994 FEBLAL NE 0014-5793 0165 ? 8082756 '10.1016/0014-5793(94)00834-5' 
1       
;Structure of Domain A of Thermus flavus 5S rRNA at 2.3 A Resolution. Comparison of Nearest Neighbor Parameters for Mismatches and the Influence of Solvent
;
'To be Published'          ?   ?   ?   ?    ?      ?  ?         0353 ? ?       ?                              
2       
;Crystallization and Preliminary Diffraction Studies of the Chemically Synthesized Domain A of Thermus flavus 5S rRNA: An Dodecamer Double Helix
;
'Acta Crystallogr.,Sect.D' 49  418 420 1993 ABCRE6 DK 0907-4449 0766 ? ?       ?                              
# 
loop_
_citation_author.citation_id 
_citation_author.name 
_citation_author.ordinal 
_citation_author.identifier_ORCID 
primary 'Betzel, C.'      1  ? 
primary 'Lorenz, S.'      2  ? 
primary 'Furste, J.P.'    3  ? 
primary 'Bald, R.'        4  ? 
primary 'Zhang, M.'       5  ? 
primary 'Schneider, T.R.' 6  ? 
primary 'Wilson, K.S.'    7  ? 
primary 'Erdmann, V.A.'   8  ? 
1       'Perbandt, M.'    9  ? 
1       'Lorenz, S.'      10 ? 
1       'Betzel, C.'      11 ? 
1       'Erdmann, V.A.'   12 ? 
2       'Lorenz, S.'      13 ? 
2       'Furste, J.'      14 ? 
2       'Bald, R.'        15 ? 
2       'Zhang, M.'       16 ? 
2       'Raderschall, E.' 17 ? 
2       'Betzel, C.'      18 ? 
2       'Dauter, Z.'      19 ? 
2       'Wilson, K.'      20 ? 
# 
_cell.entry_id           353D 
_cell.length_a           30.100 
_cell.length_b           30.100 
_cell.length_c           86.800 
_cell.angle_alpha        90.00 
_cell.angle_beta         90.00 
_cell.angle_gamma        90.00 
_cell.Z_PDB              4 
_cell.pdbx_unique_axis   ? 
_cell.length_a_esd       ? 
_cell.length_b_esd       ? 
_cell.length_c_esd       ? 
_cell.angle_alpha_esd    ? 
_cell.angle_beta_esd     ? 
_cell.angle_gamma_esd    ? 
# 
_symmetry.entry_id                         353D 
_symmetry.space_group_name_H-M             'P 43' 
_symmetry.pdbx_full_space_group_name_H-M   ? 
_symmetry.cell_setting                     ? 
_symmetry.Int_Tables_number                78 
_symmetry.space_group_name_Hall            ? 
# 
loop_
_entity.id 
_entity.type 
_entity.src_method 
_entity.pdbx_description 
_entity.formula_weight 
_entity.pdbx_number_of_molecules 
_entity.pdbx_ec 
_entity.pdbx_mutation 
_entity.pdbx_fragment 
_entity.details 
1 polymer syn 
;RNA (5'-R(*AP*UP*CP*CP*CP*CP*CP*GP*UP*GP*CP*C)-3')
;
3723.264 1   ? ? ? ? 
2 polymer syn 
;RNA (5'-R(*GP*GP*UP*GP*CP*GP*GP*GP*GP*GP*AP*U)-3')
;
3963.408 1   ? ? ? ? 
3 water   nat water                                                18.015   158 ? ? ? ? 
# 
loop_
_entity_poly.entity_id 
_entity_poly.type 
_entity_poly.nstd_linkage 
_entity_poly.nstd_monomer 
_entity_poly.pdbx_seq_one_letter_code 
_entity_poly.pdbx_seq_one_letter_code_can 
_entity_poly.pdbx_strand_id 
_entity_poly.pdbx_target_identifier 
1 polyribonucleotide no no AUCCCCCGUGCC AUCCCCCGUGCC A ? 
2 polyribonucleotide no no GGUGCGGGGGAU GGUGCGGGGGAU B ? 
# 
loop_
_entity_poly_seq.entity_id 
_entity_poly_seq.num 
_entity_poly_seq.mon_id 
_entity_poly_seq.hetero 
1 1  A n 
1 2  U n 
1 3  C n 
1 4  C n 
1 5  C n 
1 6  C n 
1 7  C n 
1 8  G n 
1 9  U n 
1 10 G n 
1 11 C n 
1 12 C n 
2 1  G n 
2 2  G n 
2 3  U n 
2 4  G n 
2 5  C n 
2 6  G n 
2 7  G n 
2 8  G n 
2 9  G n 
2 10 G n 
2 11 A n 
2 12 U n 
# 
loop_
_struct_ref.id 
_struct_ref.entity_id 
_struct_ref.db_name 
_struct_ref.db_code 
_struct_ref.pdbx_db_accession 
_struct_ref.pdbx_db_isoform 
_struct_ref.pdbx_seq_one_letter_code 
_struct_ref.pdbx_align_begin 
1 1 PDB 353D 353D ? ? ? 
2 2 PDB 353D 353D ? ? ? 
# 
loop_
_struct_ref_seq.align_id 
_struct_ref_seq.ref_id 
_struct_ref_seq.pdbx_PDB_id_code 
_struct_ref_seq.pdbx_strand_id 
_struct_ref_seq.seq_align_beg 
_struct_ref_seq.pdbx_seq_align_beg_ins_code 
_struct_ref_seq.seq_align_end 
_struct_ref_seq.pdbx_seq_align_end_ins_code 
_struct_ref_seq.pdbx_db_accession 
_struct_ref_seq.db_align_beg 
_struct_ref_seq.pdbx_db_align_beg_ins_code 
_struct_ref_seq.db_align_end 
_struct_ref_seq.pdbx_db_align_end_ins_code 
_struct_ref_seq.pdbx_auth_seq_align_beg 
_struct_ref_seq.pdbx_auth_seq_align_end 
1 1 353D A 1 ? 12 ? 353D 1  ? 12 ? 1  12 
2 2 353D B 1 ? 12 ? 353D 13 ? 24 ? 13 24 
# 
loop_
_chem_comp.id 
_chem_comp.type 
_chem_comp.mon_nstd_flag 
_chem_comp.name 
_chem_comp.pdbx_synonyms 
_chem_comp.formula 
_chem_comp.formula_weight 
A   'RNA linking' y "ADENOSINE-5'-MONOPHOSPHATE" ? 'C10 H14 N5 O7 P' 347.221 
C   'RNA linking' y "CYTIDINE-5'-MONOPHOSPHATE"  ? 'C9 H14 N3 O8 P'  323.197 
G   'RNA linking' y "GUANOSINE-5'-MONOPHOSPHATE" ? 'C10 H14 N5 O8 P' 363.221 
HOH non-polymer   . WATER                        ? 'H2 O'            18.015  
U   'RNA linking' y "URIDINE-5'-MONOPHOSPHATE"   ? 'C9 H13 N2 O9 P'  324.181 
# 
_exptl.entry_id          353D 
_exptl.method            'X-RAY DIFFRACTION' 
_exptl.crystals_number   2 
# 
_exptl_crystal.id                    1 
_exptl_crystal.density_meas          ? 
_exptl_crystal.density_Matthews      2.60 
_exptl_crystal.density_percent_sol   51.91 
_exptl_crystal.description           ? 
_exptl_crystal.F_000                 ? 
_exptl_crystal.preparation           ? 
# 
_exptl_crystal_grow.crystal_id      1 
_exptl_crystal_grow.method          'VAPOR DIFFUSION, HANGING DROP' 
_exptl_crystal_grow.temp            291 
_exptl_crystal_grow.temp_details    ? 
_exptl_crystal_grow.pH              6.50 
_exptl_crystal_grow.pdbx_details    'pH 6.50, VAPOR DIFFUSION, HANGING DROP, temperature 291K' 
_exptl_crystal_grow.pdbx_pH_range   ? 
# 
loop_
_exptl_crystal_grow_comp.crystal_id 
_exptl_crystal_grow_comp.id 
_exptl_crystal_grow_comp.sol_id 
_exptl_crystal_grow_comp.name 
_exptl_crystal_grow_comp.volume 
_exptl_crystal_grow_comp.conc 
_exptl_crystal_grow_comp.details 
1 1 1 WATER           ? ? ? 
1 2 1 MPD             ? ? ? 
1 3 1 MGCL2           ? ? ? 
1 4 1 'NA CACODYLATE' ? ? ? 
1 5 2 WATER           ? ? ? 
1 6 2 MPD             ? ? ? 
1 7 2 MGCL2           ? ? ? 
1 8 2 'NA CACODYLATE' ? ? ? 
# 
loop_
_diffrn.id 
_diffrn.crystal_id 
_diffrn.ambient_temp 
_diffrn.ambient_temp_details 
1 1 153 ? 
2 1 153 ? 
# 
loop_
_diffrn_detector.diffrn_id 
_diffrn_detector.detector 
_diffrn_detector.type 
_diffrn_detector.pdbx_collection_date 
_diffrn_detector.details 
1 'IMAGE PLATE' MARRESEARCH ? ? 
2 'IMAGE PLATE' MARRESEARCH ? ? 
# 
loop_
_diffrn_radiation.diffrn_id 
_diffrn_radiation.wavelength_id 
_diffrn_radiation.pdbx_monochromatic_or_laue_m_l 
_diffrn_radiation.monochromator 
_diffrn_radiation.pdbx_diffrn_protocol 
_diffrn_radiation.pdbx_scattering_type 
1 1 M GRAPHITE ? x-ray 
2 2 M ?        ? x-ray 
# 
loop_
_diffrn_radiation_wavelength.id 
_diffrn_radiation_wavelength.wavelength 
_diffrn_radiation_wavelength.wt 
1 0.7107 1.0 
2 0.9200 1.0 
# 
loop_
_diffrn_source.diffrn_id 
_diffrn_source.source 
_diffrn_source.type 
_diffrn_source.pdbx_synchrotron_site 
_diffrn_source.pdbx_synchrotron_beamline 
_diffrn_source.pdbx_wavelength 
_diffrn_source.pdbx_wavelength_list 
1 'SEALED TUBE' 'CONVENTIONAL Mo'                 ?                    ?   0.7107 0.7107 
2 SYNCHROTRON   'EMBL/DESY, HAMBURG BEAMLINE X11' 'EMBL/DESY, HAMBURG' X11 0.9200 0.9200 
# 
_reflns.entry_id                     353D 
_reflns.observed_criterion_sigma_I   ? 
_reflns.observed_criterion_sigma_F   ? 
_reflns.d_resolution_low             ? 
_reflns.d_resolution_high            2.400 
_reflns.number_obs                   2477 
_reflns.number_all                   ? 
_reflns.percent_possible_obs         83.500 
_reflns.pdbx_Rmerge_I_obs            ? 
_reflns.pdbx_Rsym_value              ? 
_reflns.pdbx_netI_over_sigmaI        ? 
_reflns.B_iso_Wilson_estimate        ? 
_reflns.pdbx_redundancy              ? 
_reflns.R_free_details               ? 
_reflns.pdbx_chi_squared             ? 
_reflns.pdbx_scaling_rejects         ? 
_reflns.pdbx_diffrn_id               1,2 
_reflns.pdbx_ordinal                 1 
# 
_refine.entry_id                                 353D 
_refine.ls_number_reflns_obs                     2477 
_refine.ls_number_reflns_all                     ? 
_refine.pdbx_ls_sigma_I                          ? 
_refine.pdbx_ls_sigma_F                          0.000 
_refine.pdbx_data_cutoff_high_absF               ? 
_refine.pdbx_data_cutoff_low_absF                ? 
_refine.pdbx_data_cutoff_high_rms_absF           ? 
_refine.ls_d_res_low                             8.000 
_refine.ls_d_res_high                            2.400 
_refine.ls_percent_reflns_obs                    ? 
_refine.ls_R_factor_obs                          0.1800000 
_refine.ls_R_factor_all                          ? 
_refine.ls_R_factor_R_work                       ? 
_refine.ls_R_factor_R_free                       ? 
_refine.ls_R_factor_R_free_error                 ? 
_refine.ls_R_factor_R_free_error_details         ? 
_refine.ls_percent_reflns_R_free                 ? 
_refine.ls_number_reflns_R_free                  ? 
_refine.ls_number_parameters                     ? 
_refine.ls_number_restraints                     ? 
_refine.occupancy_min                            ? 
_refine.occupancy_max                            ? 
_refine.B_iso_mean                               23.90 
_refine.aniso_B[1][1]                            ? 
_refine.aniso_B[2][2]                            ? 
_refine.aniso_B[3][3]                            ? 
_refine.aniso_B[1][2]                            ? 
_refine.aniso_B[1][3]                            ? 
_refine.aniso_B[2][3]                            ? 
_refine.solvent_model_details                    ? 
_refine.solvent_model_param_ksol                 ? 
_refine.solvent_model_param_bsol                 ? 
_refine.pdbx_ls_cross_valid_method               ? 
_refine.details                                  'X-PLOR (BRUNGER) ALSO WAS USED.' 
_refine.pdbx_starting_model                      'NDB ENTRY ARN035 (PDB ENTRY 1RNA)' 
_refine.pdbx_method_to_determine_struct          ? 
_refine.pdbx_isotropic_thermal_model             ? 
_refine.pdbx_stereochemistry_target_values       ? 
_refine.pdbx_stereochem_target_val_spec_case     ? 
_refine.pdbx_R_Free_selection_details            ? 
_refine.pdbx_overall_ESU_R                       ? 
_refine.pdbx_overall_ESU_R_Free                  ? 
_refine.overall_SU_ML                            ? 
_refine.overall_SU_B                             ? 
_refine.ls_redundancy_reflns_obs                 ? 
_refine.pdbx_overall_phase_error                 ? 
_refine.correlation_coeff_Fo_to_Fc               ? 
_refine.correlation_coeff_Fo_to_Fc_free          ? 
_refine.pdbx_solvent_vdw_probe_radii             ? 
_refine.pdbx_solvent_ion_probe_radii             ? 
_refine.pdbx_solvent_shrinkage_radii             ? 
_refine.overall_SU_R_Cruickshank_DPI             ? 
_refine.overall_SU_R_free                        ? 
_refine.ls_wR_factor_R_free                      ? 
_refine.ls_wR_factor_R_work                      ? 
_refine.overall_FOM_free_R_set                   ? 
_refine.overall_FOM_work_R_set                   ? 
_refine.pdbx_refine_id                           'X-RAY DIFFRACTION' 
_refine.pdbx_diffrn_id                           1 
_refine.pdbx_TLS_residual_ADP_flag               ? 
_refine.pdbx_overall_SU_R_free_Cruickshank_DPI   ? 
_refine.pdbx_overall_SU_R_Blow_DPI               ? 
_refine.pdbx_overall_SU_R_free_Blow_DPI          ? 
# 
_refine_hist.pdbx_refine_id                   'X-RAY DIFFRACTION' 
_refine_hist.cycle_id                         LAST 
_refine_hist.pdbx_number_atoms_protein        0 
_refine_hist.pdbx_number_atoms_nucleic_acid   508 
_refine_hist.pdbx_number_atoms_ligand         0 
_refine_hist.number_atoms_solvent             158 
_refine_hist.number_atoms_total               666 
_refine_hist.d_res_high                       2.400 
_refine_hist.d_res_low                        8.000 
# 
loop_
_refine_ls_restr.type 
_refine_ls_restr.dev_ideal 
_refine_ls_restr.dev_ideal_target 
_refine_ls_restr.weight 
_refine_ls_restr.number 
_refine_ls_restr.pdbx_refine_id 
_refine_ls_restr.pdbx_restraint_function 
n_bond_d               0.025 ? ? ? 'X-RAY DIFFRACTION' ? 
n_angle_d              0.068 ? ? ? 'X-RAY DIFFRACTION' ? 
n_planar_d             0.014 ? ? ? 'X-RAY DIFFRACTION' ? 
n_hb_or_metal_coord    ?     ? ? ? 'X-RAY DIFFRACTION' ? 
n_sugar_bond_it        ?     ? ? ? 'X-RAY DIFFRACTION' ? 
n_sugar_angle_it       ?     ? ? ? 'X-RAY DIFFRACTION' ? 
n_phos_bond_it         ?     ? ? ? 'X-RAY DIFFRACTION' ? 
n_phos_angle_it        ?     ? ? ? 'X-RAY DIFFRACTION' ? 
n_bond_angle_restr     ?     ? ? ? 'X-RAY DIFFRACTION' ? 
n_dihedral_angle_restr ?     ? ? ? 'X-RAY DIFFRACTION' ? 
n_impr_tor             ?     ? ? ? 'X-RAY DIFFRACTION' ? 
n_sugar_bond_d         ?     ? ? ? 'X-RAY DIFFRACTION' ? 
n_sugar_bond_angle_d   ?     ? ? ? 'X-RAY DIFFRACTION' ? 
n_phos_bond_d          ?     ? ? ? 'X-RAY DIFFRACTION' ? 
n_phos_bond_angle_d    ?     ? ? ? 'X-RAY DIFFRACTION' ? 
n_plane_restr          ?     ? ? ? 'X-RAY DIFFRACTION' ? 
n_chiral_restr         0.036 ? ? ? 'X-RAY DIFFRACTION' ? 
n_singtor_nbd          ?     ? ? ? 'X-RAY DIFFRACTION' ? 
n_multtor_nbd          ?     ? ? ? 'X-RAY DIFFRACTION' ? 
n_xhyhbond_nbd         ?     ? ? ? 'X-RAY DIFFRACTION' ? 
# 
_refine_ls_shell.pdbx_total_number_of_bins_used   ? 
_refine_ls_shell.d_res_high                       2.30 
_refine_ls_shell.d_res_low                        2.40 
_refine_ls_shell.number_reflns_R_work             ? 
_refine_ls_shell.R_factor_R_work                  ? 
_refine_ls_shell.percent_reflns_obs               50.00 
_refine_ls_shell.R_factor_R_free                  ? 
_refine_ls_shell.R_factor_R_free_error            ? 
_refine_ls_shell.percent_reflns_R_free            ? 
_refine_ls_shell.number_reflns_R_free             ? 
_refine_ls_shell.redundancy_reflns_obs            ? 
_refine_ls_shell.number_reflns_all                ? 
_refine_ls_shell.number_reflns_obs                ? 
_refine_ls_shell.R_factor_all                     ? 
_refine_ls_shell.pdbx_refine_id                   'X-RAY DIFFRACTION' 
# 
_struct.entry_id                  353D 
_struct.title                     
'CRYSTAL STRUCTURE OF DOMAIN A OF THERMUS FLAVUS 5S RRNA AND THE CONTRIBUTION OF WATER MOLECULES TO ITS STRUCTURE' 
_struct.pdbx_model_details        ? 
_struct.pdbx_CASP_flag            ? 
_struct.pdbx_model_type_details   ? 
# 
_struct_keywords.entry_id        353D 
_struct_keywords.pdbx_keywords   RNA 
_struct_keywords.text            'A-RNA, DOUBLE STRAND, RNA' 
# 
loop_
_struct_asym.id 
_struct_asym.pdbx_blank_PDB_chainid_flag 
_struct_asym.pdbx_modified 
_struct_asym.entity_id 
_struct_asym.details 
A N N 1 ? 
B N N 2 ? 
C N N 3 ? 
D N N 3 ? 
# 
loop_
_struct_conn.id 
_struct_conn.conn_type_id 
_struct_conn.pdbx_leaving_atom_flag 
_struct_conn.pdbx_PDB_id 
_struct_conn.ptnr1_label_asym_id 
_struct_conn.ptnr1_label_comp_id 
_struct_conn.ptnr1_label_seq_id 
_struct_conn.ptnr1_label_atom_id 
_struct_conn.pdbx_ptnr1_label_alt_id 
_struct_conn.pdbx_ptnr1_PDB_ins_code 
_struct_conn.pdbx_ptnr1_standard_comp_id 
_struct_conn.ptnr1_symmetry 
_struct_conn.ptnr2_label_asym_id 
_struct_conn.ptnr2_label_comp_id 
_struct_conn.ptnr2_label_seq_id 
_struct_conn.ptnr2_label_atom_id 
_struct_conn.pdbx_ptnr2_label_alt_id 
_struct_conn.pdbx_ptnr2_PDB_ins_code 
_struct_conn.ptnr1_auth_asym_id 
_struct_conn.ptnr1_auth_comp_id 
_struct_conn.ptnr1_auth_seq_id 
_struct_conn.ptnr2_auth_asym_id 
_struct_conn.ptnr2_auth_comp_id 
_struct_conn.ptnr2_auth_seq_id 
_struct_conn.ptnr2_symmetry 
_struct_conn.pdbx_ptnr3_label_atom_id 
_struct_conn.pdbx_ptnr3_label_seq_id 
_struct_conn.pdbx_ptnr3_label_comp_id 
_struct_conn.pdbx_ptnr3_label_asym_id 
_struct_conn.pdbx_ptnr3_label_alt_id 
_struct_conn.pdbx_ptnr3_PDB_ins_code 
_struct_conn.details 
_struct_conn.pdbx_dist_value 
_struct_conn.pdbx_value_order 
_struct_conn.pdbx_role 
hydrog1  hydrog ? ? A A 1  N1 ? ? ? 1_555 B U 12 N3 ? ? A A 1  B U 24 1_555 ? ? ? ? ? ? 'A-U PAIR'    ? ? ? 
hydrog2  hydrog ? ? A U 2  N3 ? ? ? 1_555 B A 11 N1 ? ? A U 2  B A 23 1_555 ? ? ? ? ? ? WATSON-CRICK  ? ? ? 
hydrog3  hydrog ? ? A U 2  O4 ? ? ? 1_555 B A 11 N6 ? ? A U 2  B A 23 1_555 ? ? ? ? ? ? WATSON-CRICK  ? ? ? 
hydrog4  hydrog ? ? A C 3  N3 ? ? ? 1_555 B G 10 N1 ? ? A C 3  B G 22 1_555 ? ? ? ? ? ? WATSON-CRICK  ? ? ? 
hydrog5  hydrog ? ? A C 3  N4 ? ? ? 1_555 B G 10 O6 ? ? A C 3  B G 22 1_555 ? ? ? ? ? ? WATSON-CRICK  ? ? ? 
hydrog6  hydrog ? ? A C 3  O2 ? ? ? 1_555 B G 10 N2 ? ? A C 3  B G 22 1_555 ? ? ? ? ? ? WATSON-CRICK  ? ? ? 
hydrog7  hydrog ? ? A C 4  N3 ? ? ? 1_555 B G 9  N1 ? ? A C 4  B G 21 1_555 ? ? ? ? ? ? WATSON-CRICK  ? ? ? 
hydrog8  hydrog ? ? A C 4  N4 ? ? ? 1_555 B G 9  O6 ? ? A C 4  B G 21 1_555 ? ? ? ? ? ? WATSON-CRICK  ? ? ? 
hydrog9  hydrog ? ? A C 4  O2 ? ? ? 1_555 B G 9  N2 ? ? A C 4  B G 21 1_555 ? ? ? ? ? ? WATSON-CRICK  ? ? ? 
hydrog10 hydrog ? ? A C 5  N3 ? ? ? 1_555 B G 8  N1 ? ? A C 5  B G 20 1_555 ? ? ? ? ? ? WATSON-CRICK  ? ? ? 
hydrog11 hydrog ? ? A C 5  N4 ? ? ? 1_555 B G 8  O6 ? ? A C 5  B G 20 1_555 ? ? ? ? ? ? WATSON-CRICK  ? ? ? 
hydrog12 hydrog ? ? A C 5  O2 ? ? ? 1_555 B G 8  N2 ? ? A C 5  B G 20 1_555 ? ? ? ? ? ? WATSON-CRICK  ? ? ? 
hydrog13 hydrog ? ? A C 6  N3 ? ? ? 1_555 B G 7  N1 ? ? A C 6  B G 19 1_555 ? ? ? ? ? ? WATSON-CRICK  ? ? ? 
hydrog14 hydrog ? ? A C 6  N4 ? ? ? 1_555 B G 7  O6 ? ? A C 6  B G 19 1_555 ? ? ? ? ? ? WATSON-CRICK  ? ? ? 
hydrog15 hydrog ? ? A C 6  O2 ? ? ? 1_555 B G 7  N2 ? ? A C 6  B G 19 1_555 ? ? ? ? ? ? WATSON-CRICK  ? ? ? 
hydrog16 hydrog ? ? A C 7  N3 ? ? ? 1_555 B G 6  N1 ? ? A C 7  B G 18 1_555 ? ? ? ? ? ? WATSON-CRICK  ? ? ? 
hydrog17 hydrog ? ? A C 7  N4 ? ? ? 1_555 B G 6  O6 ? ? A C 7  B G 18 1_555 ? ? ? ? ? ? WATSON-CRICK  ? ? ? 
hydrog18 hydrog ? ? A C 7  O2 ? ? ? 1_555 B G 6  N2 ? ? A C 7  B G 18 1_555 ? ? ? ? ? ? WATSON-CRICK  ? ? ? 
hydrog19 hydrog ? ? A G 8  N1 ? ? ? 1_555 B C 5  O2 ? ? A G 8  B C 17 1_555 ? ? ? ? ? ? 'G-C PAIR'    ? ? ? 
hydrog20 hydrog ? ? A U 9  O2 ? ? ? 1_555 B G 4  N2 ? ? A U 9  B G 16 1_555 ? ? ? ? ? ? 'U-G MISPAIR' ? ? ? 
hydrog21 hydrog ? ? A G 10 N1 ? ? ? 1_555 B U 3  O2 ? ? A G 10 B U 15 1_555 ? ? ? ? ? ? TYPE_28_PAIR  ? ? ? 
hydrog22 hydrog ? ? A G 10 O6 ? ? ? 1_555 B U 3  N3 ? ? A G 10 B U 15 1_555 ? ? ? ? ? ? TYPE_28_PAIR  ? ? ? 
hydrog23 hydrog ? ? A C 11 N4 ? ? ? 1_555 B G 2  O6 ? ? A C 11 B G 14 1_555 ? ? ? ? ? ? 'C-G PAIR'    ? ? ? 
hydrog24 hydrog ? ? A C 12 N3 ? ? ? 1_555 B G 1  N1 ? ? A C 12 B G 13 1_555 ? ? ? ? ? ? WATSON-CRICK  ? ? ? 
hydrog25 hydrog ? ? A C 12 N4 ? ? ? 1_555 B G 1  O6 ? ? A C 12 B G 13 1_555 ? ? ? ? ? ? WATSON-CRICK  ? ? ? 
hydrog26 hydrog ? ? A C 12 O2 ? ? ? 1_555 B G 1  N2 ? ? A C 12 B G 13 1_555 ? ? ? ? ? ? WATSON-CRICK  ? ? ? 
# 
_struct_conn_type.id          hydrog 
_struct_conn_type.criteria    ? 
_struct_conn_type.reference   ? 
# 
_atom_sites.entry_id                    353D 
_atom_sites.fract_transf_matrix[1][1]   -0.02775439 
_atom_sites.fract_transf_matrix[1][2]   -0.00391654 
_atom_sites.fract_transf_matrix[1][3]   0.01783039 
_atom_sites.fract_transf_matrix[2][1]   0.00394810 
_atom_sites.fract_transf_matrix[2][2]   -0.03296635 
_atom_sites.fract_transf_matrix[2][3]   -0.00109571 
_atom_sites.fract_transf_matrix[3][1]   0.00618079 
_atom_sites.fract_transf_matrix[3][2]   0.00041740 
_atom_sites.fract_transf_matrix[3][3]   0.00971257 
_atom_sites.fract_transf_vector[1]      0.384983 
_atom_sites.fract_transf_vector[2]      0.432741 
_atom_sites.fract_transf_vector[3]      -0.006721 
# 
loop_
_atom_type.symbol 
C 
N 
O 
P 
# 
loop_
_atom_site.group_PDB 
_atom_site.id 
_atom_site.type_symbol 
_atom_site.label_atom_id 
_atom_site.label_alt_id 
_atom_site.label_comp_id 
_atom_site.label_asym_id 
_atom_site.label_entity_id 
_atom_site.label_seq_id 
_atom_site.pdbx_PDB_ins_code 
_atom_site.Cartn_x 
_atom_site.Cartn_y 
_atom_site.Cartn_z 
_atom_site.occupancy 
_atom_site.B_iso_or_equiv 
_atom_site.pdbx_formal_charge 
_atom_site.auth_seq_id 
_atom_site.auth_comp_id 
_atom_site.auth_asym_id 
_atom_site.auth_atom_id 
_atom_site.pdbx_PDB_model_num 
ATOM   1   O "O5'" . A   A 1 1  ? -3.445  -11.380 3.843   1.00 21.09 ? 1   A   A "O5'" 1 
ATOM   2   C "C5'" . A   A 1 1  ? -4.094  -11.814 5.037   1.00 20.30 ? 1   A   A "C5'" 1 
ATOM   3   C "C4'" . A   A 1 1  ? -3.043  -12.093 6.077   1.00 21.28 ? 1   A   A "C4'" 1 
ATOM   4   O "O4'" . A   A 1 1  ? -2.202  -13.075 5.521   1.00 24.20 ? 1   A   A "O4'" 1 
ATOM   5   C "C3'" . A   A 1 1  ? -2.066  -10.955 6.204   1.00 23.64 ? 1   A   A "C3'" 1 
ATOM   6   O "O3'" . A   A 1 1  ? -2.564  -9.797  6.857   1.00 24.14 ? 1   A   A "O3'" 1 
ATOM   7   C "C2'" . A   A 1 1  ? -0.813  -11.594 6.763   1.00 22.12 ? 1   A   A "C2'" 1 
ATOM   8   O "O2'" . A   A 1 1  ? -0.898  -11.994 8.141   1.00 22.08 ? 1   A   A "O2'" 1 
ATOM   9   C "C1'" . A   A 1 1  ? -0.819  -12.760 5.810   1.00 22.08 ? 1   A   A "C1'" 1 
ATOM   10  N N9    . A   A 1 1  ? -0.001  -12.506 4.609   1.00 18.03 ? 1   A   A N9    1 
ATOM   11  C C8    . A   A 1 1  ? -0.401  -12.379 3.309   1.00 16.65 ? 1   A   A C8    1 
ATOM   12  N N7    . A   A 1 1  ? 0.568   -12.492 2.433   1.00 15.55 ? 1   A   A N7    1 
ATOM   13  C C5    . A   A 1 1  ? 1.692   -12.636 3.241   1.00 14.47 ? 1   A   A C5    1 
ATOM   14  C C6    . A   A 1 1  ? 3.046   -12.650 2.967   1.00 11.69 ? 1   A   A C6    1 
ATOM   15  N N6    . A   A 1 1  ? 3.477   -12.494 1.726   1.00 11.10 ? 1   A   A N6    1 
ATOM   16  N N1    . A   A 1 1  ? 3.914   -12.834 3.988   1.00 9.41  ? 1   A   A N1    1 
ATOM   17  C C2    . A   A 1 1  ? 3.452   -12.972 5.207   1.00 8.54  ? 1   A   A C2    1 
ATOM   18  N N3    . A   A 1 1  ? 2.193   -12.905 5.585   1.00 13.60 ? 1   A   A N3    1 
ATOM   19  C C4    . A   A 1 1  ? 1.356   -12.724 4.551   1.00 15.12 ? 1   A   A C4    1 
ATOM   20  P P     . U   A 1 2  ? -1.878  -8.362  6.816   1.00 21.72 ? 2   U   A P     1 
ATOM   21  O OP1   . U   A 1 2  ? -2.650  -7.595  7.823   1.00 25.80 ? 2   U   A OP1   1 
ATOM   22  O OP2   . U   A 1 2  ? -1.732  -7.804  5.481   1.00 23.37 ? 2   U   A OP2   1 
ATOM   23  O "O5'" . U   A 1 2  ? -0.402  -8.608  7.299   1.00 22.93 ? 2   U   A "O5'" 1 
ATOM   24  C "C5'" . U   A 1 2  ? 0.036   -8.798  8.641   1.00 22.67 ? 2   U   A "C5'" 1 
ATOM   25  C "C4'" . U   A 1 2  ? 1.564   -8.810  8.774   1.00 20.65 ? 2   U   A "C4'" 1 
ATOM   26  O "O4'" . U   A 1 2  ? 2.318   -9.668  7.895   1.00 19.90 ? 2   U   A "O4'" 1 
ATOM   27  C "C3'" . U   A 1 2  ? 2.128   -7.494  8.454   1.00 21.54 ? 2   U   A "C3'" 1 
ATOM   28  O "O3'" . U   A 1 2  ? 1.754   -6.505  9.436   1.00 22.56 ? 2   U   A "O3'" 1 
ATOM   29  C "C2'" . U   A 1 2  ? 3.596   -7.871  8.526   1.00 21.50 ? 2   U   A "C2'" 1 
ATOM   30  O "O2'" . U   A 1 2  ? 3.885   -8.099  9.920   1.00 22.14 ? 2   U   A "O2'" 1 
ATOM   31  C "C1'" . U   A 1 2  ? 3.662   -9.179  7.730   1.00 19.55 ? 2   U   A "C1'" 1 
ATOM   32  N N1    . U   A 1 2  ? 4.019   -9.087  6.282   1.00 19.44 ? 2   U   A N1    1 
ATOM   33  C C2    . U   A 1 2  ? 5.348   -9.288  5.816   1.00 20.66 ? 2   U   A C2    1 
ATOM   34  O O2    . U   A 1 2  ? 6.407   -9.254  6.439   1.00 26.04 ? 2   U   A O2    1 
ATOM   35  N N3    . U   A 1 2  ? 5.498   -9.516  4.502   1.00 15.16 ? 2   U   A N3    1 
ATOM   36  C C4    . U   A 1 2  ? 4.538   -9.457  3.561   1.00 17.22 ? 2   U   A C4    1 
ATOM   37  O O4    . U   A 1 2  ? 4.863   -9.577  2.388   1.00 18.55 ? 2   U   A O4    1 
ATOM   38  C C5    . U   A 1 2  ? 3.204   -9.248  4.066   1.00 19.03 ? 2   U   A C5    1 
ATOM   39  C C6    . U   A 1 2  ? 2.995   -9.091  5.391   1.00 18.22 ? 2   U   A C6    1 
ATOM   40  P P     . C   A 1 3  ? 1.621   -4.948  8.987   1.00 22.55 ? 3   C   A P     1 
ATOM   41  O OP1   . C   A 1 3  ? 1.249   -4.185  10.194  1.00 18.01 ? 3   C   A OP1   1 
ATOM   42  O OP2   . C   A 1 3  ? 0.732   -4.962  7.786   1.00 21.07 ? 3   C   A OP2   1 
ATOM   43  O "O5'" . C   A 1 3  ? 3.068   -4.586  8.438   1.00 18.43 ? 3   C   A "O5'" 1 
ATOM   44  C "C5'" . C   A 1 3  ? 4.133   -4.153  9.278   1.00 21.55 ? 3   C   A "C5'" 1 
ATOM   45  C "C4'" . C   A 1 3  ? 5.380   -4.042  8.481   1.00 19.17 ? 3   C   A "C4'" 1 
ATOM   46  O "O4'" . C   A 1 3  ? 5.461   -5.242  7.709   1.00 21.55 ? 3   C   A "O4'" 1 
ATOM   47  C "C3'" . C   A 1 3  ? 5.309   -2.989  7.467   1.00 19.61 ? 3   C   A "C3'" 1 
ATOM   48  O "O3'" . C   A 1 3  ? 5.528   -1.740  8.115   1.00 24.45 ? 3   C   A "O3'" 1 
ATOM   49  C "C2'" . C   A 1 3  ? 6.367   -3.447  6.530   1.00 20.03 ? 3   C   A "C2'" 1 
ATOM   50  O "O2'" . C   A 1 3  ? 7.593   -3.110  7.131   1.00 23.83 ? 3   C   A "O2'" 1 
ATOM   51  C "C1'" . C   A 1 3  ? 6.225   -4.969  6.545   1.00 21.07 ? 3   C   A "C1'" 1 
ATOM   52  N N1    . C   A 1 3  ? 5.479   -5.530  5.416   1.00 21.17 ? 3   C   A N1    1 
ATOM   53  C C2    . C   A 1 3  ? 6.173   -5.804  4.278   1.00 20.41 ? 3   C   A C2    1 
ATOM   54  O O2    . C   A 1 3  ? 7.387   -5.863  4.253   1.00 22.01 ? 3   C   A O2    1 
ATOM   55  N N3    . C   A 1 3  ? 5.492   -5.978  3.140   1.00 20.70 ? 3   C   A N3    1 
ATOM   56  C C4    . C   A 1 3  ? 4.161   -6.019  3.145   1.00 23.18 ? 3   C   A C4    1 
ATOM   57  N N4    . C   A 1 3  ? 3.583   -6.476  2.059   1.00 23.77 ? 3   C   A N4    1 
ATOM   58  C C5    . C   A 1 3  ? 3.385   -5.681  4.296   1.00 22.83 ? 3   C   A C5    1 
ATOM   59  C C6    . C   A 1 3  ? 4.103   -5.480  5.410   1.00 24.93 ? 3   C   A C6    1 
ATOM   60  P P     . C   A 1 4  ? 5.808   -0.284  7.467   1.00 25.79 ? 4   C   A P     1 
ATOM   61  O OP1   . C   A 1 4  ? 6.259   0.533   8.593   1.00 27.39 ? 4   C   A OP1   1 
ATOM   62  O OP2   . C   A 1 4  ? 4.685   0.178   6.611   1.00 26.69 ? 4   C   A OP2   1 
ATOM   63  O "O5'" . C   A 1 4  ? 7.097   -0.447  6.543   1.00 26.26 ? 4   C   A "O5'" 1 
ATOM   64  C "C5'" . C   A 1 4  ? 7.134   0.134   5.230   1.00 28.89 ? 4   C   A "C5'" 1 
ATOM   65  C "C4'" . C   A 1 4  ? 8.390   -0.200  4.380   1.00 28.73 ? 4   C   A "C4'" 1 
ATOM   66  O "O4'" . C   A 1 4  ? 8.526   -1.612  4.091   1.00 29.46 ? 4   C   A "O4'" 1 
ATOM   67  C "C3'" . C   A 1 4  ? 8.241   0.452   3.023   1.00 28.20 ? 4   C   A "C3'" 1 
ATOM   68  O "O3'" . C   A 1 4  ? 8.672   1.809   2.980   1.00 29.82 ? 4   C   A "O3'" 1 
ATOM   69  C "C2'" . C   A 1 4  ? 9.089   -0.427  2.162   1.00 28.52 ? 4   C   A "C2'" 1 
ATOM   70  O "O2'" . C   A 1 4  ? 10.481  -0.084  2.331   1.00 29.04 ? 4   C   A "O2'" 1 
ATOM   71  C "C1'" . C   A 1 4  ? 8.660   -1.811  2.678   1.00 26.69 ? 4   C   A "C1'" 1 
ATOM   72  N N1    . C   A 1 4  ? 7.352   -2.316  2.171   1.00 23.96 ? 4   C   A N1    1 
ATOM   73  C C2    . C   A 1 4  ? 7.321   -2.972  0.965   1.00 25.14 ? 4   C   A C2    1 
ATOM   74  O O2    . C   A 1 4  ? 8.285   -2.976  0.190   1.00 24.84 ? 4   C   A O2    1 
ATOM   75  N N3    . C   A 1 4  ? 6.168   -3.576  0.605   1.00 24.43 ? 4   C   A N3    1 
ATOM   76  C C4    . C   A 1 4  ? 5.056   -3.406  1.323   1.00 25.41 ? 4   C   A C4    1 
ATOM   77  N N4    . C   A 1 4  ? 3.918   -3.935  0.923   1.00 28.57 ? 4   C   A N4    1 
ATOM   78  C C5    . C   A 1 4  ? 5.027   -2.651  2.501   1.00 23.45 ? 4   C   A C5    1 
ATOM   79  C C6    . C   A 1 4  ? 6.196   -2.119  2.865   1.00 23.76 ? 4   C   A C6    1 
ATOM   80  P P     . C   A 1 5  ? 7.912   3.029   2.284   1.00 30.69 ? 5   C   A P     1 
ATOM   81  O OP1   . C   A 1 5  ? 8.653   4.259   2.689   1.00 32.98 ? 5   C   A OP1   1 
ATOM   82  O OP2   . C   A 1 5  ? 6.458   2.882   2.544   1.00 26.56 ? 5   C   A OP2   1 
ATOM   83  O "O5'" . C   A 1 5  ? 8.163   2.767   0.746   1.00 29.50 ? 5   C   A "O5'" 1 
ATOM   84  C "C5'" . C   A 1 5  ? 9.436   2.632   0.087   1.00 28.07 ? 5   C   A "C5'" 1 
ATOM   85  C "C4'" . C   A 1 5  ? 9.272   1.802   -1.208  1.00 24.59 ? 5   C   A "C4'" 1 
ATOM   86  O "O4'" . C   A 1 5  ? 8.762   0.486   -0.935  1.00 22.97 ? 5   C   A "O4'" 1 
ATOM   87  C "C3'" . C   A 1 5  ? 8.239   2.383   -2.134  1.00 23.48 ? 5   C   A "C3'" 1 
ATOM   88  O "O3'" . C   A 1 5  ? 8.624   3.638   -2.749  1.00 25.43 ? 5   C   A "O3'" 1 
ATOM   89  C "C2'" . C   A 1 5  ? 8.078   1.209   -3.042  1.00 24.16 ? 5   C   A "C2'" 1 
ATOM   90  O "O2'" . C   A 1 5  ? 9.228   1.103   -3.877  1.00 30.98 ? 5   C   A "O2'" 1 
ATOM   91  C "C1'" . C   A 1 5  ? 8.034   0.046   -2.074  1.00 22.34 ? 5   C   A "C1'" 1 
ATOM   92  N N1    . C   A 1 5  ? 6.661   -0.325  -1.675  1.00 19.42 ? 5   C   A N1    1 
ATOM   93  C C2    . C   A 1 5  ? 5.912   -1.045  -2.556  1.00 17.11 ? 5   C   A C2    1 
ATOM   94  O O2    . C   A 1 5  ? 6.379   -1.438  -3.620  1.00 20.40 ? 5   C   A O2    1 
ATOM   95  N N3    . C   A 1 5  ? 4.631   -1.308  -2.258  1.00 17.53 ? 5   C   A N3    1 
ATOM   96  C C4    . C   A 1 5  ? 4.044   -0.817  -1.166  1.00 19.84 ? 5   C   A C4    1 
ATOM   97  N N4    . C   A 1 5  ? 2.757   -1.117  -0.929  1.00 18.94 ? 5   C   A N4    1 
ATOM   98  C C5    . C   A 1 5  ? 4.808   -0.050  -0.226  1.00 17.85 ? 5   C   A C5    1 
ATOM   99  C C6    . C   A 1 5  ? 6.119   0.100   -0.499  1.00 18.69 ? 5   C   A C6    1 
ATOM   100 P P     . C   A 1 6  ? 7.574   4.875   -3.153  1.00 26.97 ? 6   C   A P     1 
ATOM   101 O OP1   . C   A 1 6  ? 8.318   6.047   -3.686  1.00 24.73 ? 6   C   A OP1   1 
ATOM   102 O OP2   . C   A 1 6  ? 6.439   5.046   -2.204  1.00 17.81 ? 6   C   A OP2   1 
ATOM   103 O "O5'" . C   A 1 6  ? 7.002   4.019   -4.399  1.00 26.93 ? 6   C   A "O5'" 1 
ATOM   104 C "C5'" . C   A 1 6  ? 7.632   3.789   -5.658  1.00 22.44 ? 6   C   A "C5'" 1 
ATOM   105 C "C4'" . C   A 1 6  ? 6.645   3.104   -6.632  1.00 22.90 ? 6   C   A "C4'" 1 
ATOM   106 O "O4'" . C   A 1 6  ? 6.000   1.921   -6.104  1.00 23.06 ? 6   C   A "O4'" 1 
ATOM   107 C "C3'" . C   A 1 6  ? 5.389   3.859   -6.960  1.00 23.02 ? 6   C   A "C3'" 1 
ATOM   108 O "O3'" . C   A 1 6  ? 5.535   5.124   -7.605  1.00 24.12 ? 6   C   A "O3'" 1 
ATOM   109 C "C2'" . C   A 1 6  ? 4.727   2.774   -7.820  1.00 23.96 ? 6   C   A "C2'" 1 
ATOM   110 O "O2'" . C   A 1 6  ? 5.495   2.520   -9.008  1.00 26.84 ? 6   C   A "O2'" 1 
ATOM   111 C "C1'" . C   A 1 6  ? 4.833   1.579   -6.911  1.00 22.48 ? 6   C   A "C1'" 1 
ATOM   112 N N1    . C   A 1 6  ? 3.640   1.404   -6.060  1.00 19.64 ? 6   C   A N1    1 
ATOM   113 C C2    . C   A 1 6  ? 2.752   0.377   -6.352  1.00 21.75 ? 6   C   A C2    1 
ATOM   114 O O2    . C   A 1 6  ? 2.491   -0.066  -7.468  1.00 22.04 ? 6   C   A O2    1 
ATOM   115 N N3    . C   A 1 6  ? 2.068   -0.153  -5.356  1.00 22.39 ? 6   C   A N3    1 
ATOM   116 C C4    . C   A 1 6  ? 2.046   0.438   -4.179  1.00 25.16 ? 6   C   A C4    1 
ATOM   117 N N4    . C   A 1 6  ? 1.075   0.076   -3.325  1.00 30.65 ? 6   C   A N4    1 
ATOM   118 C C5    . C   A 1 6  ? 2.922   1.498   -3.845  1.00 21.75 ? 6   C   A C5    1 
ATOM   119 C C6    . C   A 1 6  ? 3.708   1.928   -4.823  1.00 18.98 ? 6   C   A C6    1 
ATOM   120 P P     . C   A 1 7  ? 4.305   6.119   -7.607  1.00 20.63 ? 7   C   A P     1 
ATOM   121 O OP1   . C   A 1 7  ? 4.753   7.332   -8.285  1.00 23.23 ? 7   C   A OP1   1 
ATOM   122 O OP2   . C   A 1 7  ? 3.749   6.171   -6.245  1.00 21.85 ? 7   C   A OP2   1 
ATOM   123 O "O5'" . C   A 1 7  ? 3.209   5.435   -8.493  1.00 21.94 ? 7   C   A "O5'" 1 
ATOM   124 C "C5'" . C   A 1 7  ? 3.101   5.318   -9.925  1.00 24.99 ? 7   C   A "C5'" 1 
ATOM   125 C "C4'" . C   A 1 7  ? 1.718   4.681   -10.360 1.00 24.78 ? 7   C   A "C4'" 1 
ATOM   126 O "O4'" . C   A 1 7  ? 1.458   3.426   -9.714  1.00 24.73 ? 7   C   A "O4'" 1 
ATOM   127 C "C3'" . C   A 1 7  ? 0.558   5.527   -9.911  1.00 26.83 ? 7   C   A "C3'" 1 
ATOM   128 O "O3'" . C   A 1 7  ? 0.474   6.690   -10.744 1.00 26.05 ? 7   C   A "O3'" 1 
ATOM   129 C "C2'" . C   A 1 7  ? -0.628  4.546   -9.901  1.00 27.18 ? 7   C   A "C2'" 1 
ATOM   130 O "O2'" . C   A 1 7  ? -1.369  4.542   -11.135 1.00 27.27 ? 7   C   A "O2'" 1 
ATOM   131 C "C1'" . C   A 1 7  ? 0.038   3.180   -9.558  1.00 25.38 ? 7   C   A "C1'" 1 
ATOM   132 N N1    . C   A 1 7  ? -0.182  2.639   -8.164  1.00 25.81 ? 7   C   A N1    1 
ATOM   133 C C2    . C   A 1 7  ? -1.317  1.899   -7.850  1.00 25.74 ? 7   C   A C2    1 
ATOM   134 O O2    . C   A 1 7  ? -2.045  1.391   -8.694  1.00 26.98 ? 7   C   A O2    1 
ATOM   135 N N3    . C   A 1 7  ? -1.617  1.673   -6.560  1.00 23.35 ? 7   C   A N3    1 
ATOM   136 C C4    . C   A 1 7  ? -0.764  2.028   -5.616  1.00 23.85 ? 7   C   A C4    1 
ATOM   137 N N4    . C   A 1 7  ? -0.920  1.524   -4.416  1.00 23.15 ? 7   C   A N4    1 
ATOM   138 C C5    . C   A 1 7  ? 0.375   2.825   -5.887  1.00 22.29 ? 7   C   A C5    1 
ATOM   139 C C6    . C   A 1 7  ? 0.671   3.028   -7.173  1.00 23.99 ? 7   C   A C6    1 
ATOM   140 P P     . G   A 1 8  ? -0.329  7.964   -10.388 1.00 25.89 ? 8   G   A P     1 
ATOM   141 O OP1   . G   A 1 8  ? 0.192   9.081   -11.184 1.00 28.58 ? 8   G   A OP1   1 
ATOM   142 O OP2   . G   A 1 8  ? -0.371  8.033   -8.915  1.00 31.53 ? 8   G   A OP2   1 
ATOM   143 O "O5'" . G   A 1 8  ? -1.756  7.628   -10.953 1.00 30.02 ? 8   G   A "O5'" 1 
ATOM   144 C "C5'" . G   A 1 8  ? -2.980  7.844   -10.210 1.00 28.85 ? 8   G   A "C5'" 1 
ATOM   145 C "C4'" . G   A 1 8  ? -4.135  6.813   -10.473 1.00 26.53 ? 8   G   A "C4'" 1 
ATOM   146 O "O4'" . G   A 1 8  ? -3.801  5.386   -10.282 1.00 24.66 ? 8   G   A "O4'" 1 
ATOM   147 C "C3'" . G   A 1 8  ? -5.147  7.147   -9.394  1.00 25.93 ? 8   G   A "C3'" 1 
ATOM   148 O "O3'" . G   A 1 8  ? -5.808  8.343   -9.761  1.00 27.49 ? 8   G   A "O3'" 1 
ATOM   149 C "C2'" . G   A 1 8  ? -5.941  5.877   -9.286  1.00 24.96 ? 8   G   A "C2'" 1 
ATOM   150 O "O2'" . G   A 1 8  ? -6.743  5.621   -10.427 1.00 22.39 ? 8   G   A "O2'" 1 
ATOM   151 C "C1'" . G   A 1 8  ? -4.787  4.886   -9.361  1.00 25.00 ? 8   G   A "C1'" 1 
ATOM   152 N N9    . G   A 1 8  ? -4.229  4.714   -8.041  1.00 23.08 ? 8   G   A N9    1 
ATOM   153 C C8    . G   A 1 8  ? -2.840  5.129   -7.750  1.00 24.25 ? 8   G   A C8    1 
ATOM   154 N N7    . G   A 1 8  ? -2.734  4.543   -6.382  1.00 23.12 ? 8   G   A N7    1 
ATOM   155 C C5    . G   A 1 8  ? -3.950  3.977   -6.024  1.00 22.20 ? 8   G   A C5    1 
ATOM   156 C C6    . G   A 1 8  ? -4.361  3.447   -4.815  1.00 23.14 ? 8   G   A C6    1 
ATOM   157 O O6    . G   A 1 8  ? -3.779  3.453   -3.741  1.00 27.22 ? 8   G   A O6    1 
ATOM   158 N N1    . G   A 1 8  ? -5.599  2.881   -4.908  1.00 21.76 ? 8   G   A N1    1 
ATOM   159 C C2    . G   A 1 8  ? -6.394  2.936   -5.981  1.00 17.08 ? 8   G   A C2    1 
ATOM   160 N N2    . G   A 1 8  ? -7.492  2.270   -5.872  1.00 19.48 ? 8   G   A N2    1 
ATOM   161 N N3    . G   A 1 8  ? -6.120  3.583   -7.074  1.00 20.70 ? 8   G   A N3    1 
ATOM   162 C C4    . G   A 1 8  ? -4.853  4.044   -7.044  1.00 22.77 ? 8   G   A C4    1 
ATOM   163 P P     . U   A 1 9  ? -6.614  9.317   -8.813  1.00 32.86 ? 9   U   A P     1 
ATOM   164 O OP1   . U   A 1 9  ? -7.479  10.147  -9.694  1.00 33.77 ? 9   U   A OP1   1 
ATOM   165 O OP2   . U   A 1 9  ? -5.709  9.996   -7.875  1.00 33.88 ? 9   U   A OP2   1 
ATOM   166 O "O5'" . U   A 1 9  ? -7.524  8.414   -7.914  1.00 31.04 ? 9   U   A "O5'" 1 
ATOM   167 C "C5'" . U   A 1 9  ? -8.850  8.062   -8.282  1.00 28.66 ? 9   U   A "C5'" 1 
ATOM   168 C "C4'" . U   A 1 9  ? -9.462  7.315   -7.147  1.00 26.53 ? 9   U   A "C4'" 1 
ATOM   169 O "O4'" . U   A 1 9  ? -8.573  6.319   -6.742  1.00 27.04 ? 9   U   A "O4'" 1 
ATOM   170 C "C3'" . U   A 1 9  ? -9.592  8.102   -5.922  1.00 27.12 ? 9   U   A "C3'" 1 
ATOM   171 O "O3'" . U   A 1 9  ? -10.575 9.109   -6.061  1.00 30.51 ? 9   U   A "O3'" 1 
ATOM   172 C "C2'" . U   A 1 9  ? -9.949  6.976   -4.976  1.00 30.11 ? 9   U   A "C2'" 1 
ATOM   173 O "O2'" . U   A 1 9  ? -11.239 6.320   -5.167  1.00 27.62 ? 9   U   A "O2'" 1 
ATOM   174 C "C1'" . U   A 1 9  ? -8.789  6.056   -5.360  1.00 30.28 ? 9   U   A "C1'" 1 
ATOM   175 N N1    . U   A 1 9  ? -7.558  6.162   -4.462  1.00 32.18 ? 9   U   A N1    1 
ATOM   176 C C2    . U   A 1 9  ? -7.617  5.422   -3.311  1.00 31.61 ? 9   U   A C2    1 
ATOM   177 O O2    . U   A 1 9  ? -8.590  4.794   -2.944  1.00 34.91 ? 9   U   A O2    1 
ATOM   178 N N3    . U   A 1 9  ? -6.530  5.366   -2.524  1.00 32.41 ? 9   U   A N3    1 
ATOM   179 C C4    . U   A 1 9  ? -5.438  6.170   -2.641  1.00 34.75 ? 9   U   A C4    1 
ATOM   180 O O4    . U   A 1 9  ? -4.733  6.299   -1.630  1.00 36.25 ? 9   U   A O4    1 
ATOM   181 C C5    . U   A 1 9  ? -5.327  6.818   -3.947  1.00 33.45 ? 9   U   A C5    1 
ATOM   182 C C6    . U   A 1 9  ? -6.374  6.789   -4.808  1.00 31.57 ? 9   U   A C6    1 
ATOM   183 P P     . G   A 1 10 ? -10.474 10.540  -5.372  1.00 29.21 ? 10  G   A P     1 
ATOM   184 O OP1   . G   A 1 10 ? -11.621 11.349  -5.856  1.00 35.28 ? 10  G   A OP1   1 
ATOM   185 O OP2   . G   A 1 10 ? -9.095  11.054  -5.490  1.00 29.34 ? 10  G   A OP2   1 
ATOM   186 O "O5'" . G   A 1 10 ? -10.821 10.172  -3.896  1.00 30.43 ? 10  G   A "O5'" 1 
ATOM   187 C "C5'" . G   A 1 10 ? -12.139 9.702   -3.608  1.00 30.96 ? 10  G   A "C5'" 1 
ATOM   188 C "C4'" . G   A 1 10 ? -12.213 8.912   -2.267  1.00 32.79 ? 10  G   A "C4'" 1 
ATOM   189 O "O4'" . G   A 1 10 ? -11.341 7.731   -2.112  1.00 30.80 ? 10  G   A "O4'" 1 
ATOM   190 C "C3'" . G   A 1 10 ? -11.906 9.859   -1.115  1.00 30.88 ? 10  G   A "C3'" 1 
ATOM   191 O "O3'" . G   A 1 10 ? -12.916 10.867  -0.875  1.00 27.54 ? 10  G   A "O3'" 1 
ATOM   192 C "C2'" . G   A 1 10 ? -11.761 8.822   -0.019  1.00 31.41 ? 10  G   A "C2'" 1 
ATOM   193 O "O2'" . G   A 1 10 ? -13.027 8.302   0.421   1.00 31.56 ? 10  G   A "O2'" 1 
ATOM   194 C "C1'" . G   A 1 10 ? -10.898 7.752   -0.731  1.00 30.39 ? 10  G   A "C1'" 1 
ATOM   195 N N9    . G   A 1 10 ? -9.435  8.033   -0.480  1.00 26.09 ? 10  G   A N9    1 
ATOM   196 C C8    . G   A 1 10 ? -8.466  8.526   -1.304  1.00 22.31 ? 10  G   A C8    1 
ATOM   197 N N7    . G   A 1 10 ? -7.274  8.514   -0.782  1.00 20.44 ? 10  G   A N7    1 
ATOM   198 C C5    . G   A 1 10 ? -7.460  7.963   0.469   1.00 20.35 ? 10  G   A C5    1 
ATOM   199 C C6    . G   A 1 10 ? -6.551  7.723   1.512   1.00 20.72 ? 10  G   A C6    1 
ATOM   200 O O6    . G   A 1 10 ? -5.330  7.776   1.500   1.00 23.04 ? 10  G   A O6    1 
ATOM   201 N N1    . G   A 1 10 ? -7.173  7.299   2.671   1.00 21.24 ? 10  G   A N1    1 
ATOM   202 C C2    . G   A 1 10 ? -8.472  6.905   2.750   1.00 21.32 ? 10  G   A C2    1 
ATOM   203 N N2    . G   A 1 10 ? -8.861  6.370   3.877   1.00 17.77 ? 10  G   A N2    1 
ATOM   204 N N3    . G   A 1 10 ? -9.312  6.990   1.735   1.00 23.99 ? 10  G   A N3    1 
ATOM   205 C C4    . G   A 1 10 ? -8.757  7.617   0.648   1.00 24.06 ? 10  G   A C4    1 
ATOM   206 P P     . C   A 1 11 ? -12.551 12.294  -0.324  1.00 27.47 ? 11  C   A P     1 
ATOM   207 O OP1   . C   A 1 11 ? -13.739 13.138  -0.455  1.00 24.67 ? 11  C   A OP1   1 
ATOM   208 O OP2   . C   A 1 11 ? -11.295 12.757  -0.927  1.00 29.30 ? 11  C   A OP2   1 
ATOM   209 O "O5'" . C   A 1 11 ? -12.166 12.038  1.212   1.00 28.71 ? 11  C   A "O5'" 1 
ATOM   210 C "C5'" . C   A 1 11 ? -13.069 11.444  2.145   1.00 33.12 ? 11  C   A "C5'" 1 
ATOM   211 C "C4'" . C   A 1 11 ? -12.412 10.952  3.433   1.00 32.92 ? 11  C   A "C4'" 1 
ATOM   212 O "O4'" . C   A 1 11 ? -11.370 10.029  3.212   1.00 31.60 ? 11  C   A "O4'" 1 
ATOM   213 C "C3'" . C   A 1 11 ? -11.739 12.041  4.183   1.00 34.18 ? 11  C   A "C3'" 1 
ATOM   214 O "O3'" . C   A 1 11 ? -12.685 12.986  4.740   1.00 39.98 ? 11  C   A "O3'" 1 
ATOM   215 C "C2'" . C   A 1 11 ? -11.039 11.189  5.197   1.00 32.53 ? 11  C   A "C2'" 1 
ATOM   216 O "O2'" . C   A 1 11 ? -11.967 10.718  6.210   1.00 26.36 ? 11  C   A "O2'" 1 
ATOM   217 C "C1'" . C   A 1 11 ? -10.416 10.128  4.263   1.00 30.72 ? 11  C   A "C1'" 1 
ATOM   218 N N1    . C   A 1 11 ? -9.106  10.508  3.636   1.00 30.00 ? 11  C   A N1    1 
ATOM   219 C C2    . C   A 1 11 ? -7.909  10.313  4.312   1.00 29.73 ? 11  C   A C2    1 
ATOM   220 O O2    . C   A 1 11 ? -7.837  10.088  5.524   1.00 30.23 ? 11  C   A O2    1 
ATOM   221 N N3    . C   A 1 11 ? -6.760  10.454  3.614   1.00 29.62 ? 11  C   A N3    1 
ATOM   222 C C4    . C   A 1 11 ? -6.758  10.913  2.367   1.00 27.70 ? 11  C   A C4    1 
ATOM   223 N N4    . C   A 1 11 ? -5.610  11.094  1.785   1.00 23.07 ? 11  C   A N4    1 
ATOM   224 C C5    . C   A 1 11 ? -7.943  11.151  1.650   1.00 27.31 ? 11  C   A C5    1 
ATOM   225 C C6    . C   A 1 11 ? -9.083  10.953  2.338   1.00 30.33 ? 11  C   A C6    1 
ATOM   226 P P     . C   A 1 12 ? -12.235 14.448  5.257   1.00 40.22 ? 12  C   A P     1 
ATOM   227 O OP1   . C   A 1 12 ? -13.456 15.263  5.408   1.00 43.83 ? 12  C   A OP1   1 
ATOM   228 O OP2   . C   A 1 12 ? -11.083 14.960  4.479   1.00 40.98 ? 12  C   A OP2   1 
ATOM   229 O "O5'" . C   A 1 12 ? -11.741 13.951  6.704   1.00 41.00 ? 12  C   A "O5'" 1 
ATOM   230 C "C5'" . C   A 1 12 ? -10.778 14.747  7.399   1.00 36.96 ? 12  C   A "C5'" 1 
ATOM   231 C "C4'" . C   A 1 12 ? -9.768  13.925  8.161   1.00 33.94 ? 12  C   A "C4'" 1 
ATOM   232 O "O4'" . C   A 1 12 ? -9.116  12.932  7.333   1.00 33.11 ? 12  C   A "O4'" 1 
ATOM   233 C "C3'" . C   A 1 12 ? -8.681  14.884  8.550   1.00 33.76 ? 12  C   A "C3'" 1 
ATOM   234 O "O3'" . C   A 1 12 ? -9.018  15.715  9.669   1.00 34.79 ? 12  C   A "O3'" 1 
ATOM   235 C "C2'" . C   A 1 12 ? -7.546  13.921  8.751   1.00 34.33 ? 12  C   A "C2'" 1 
ATOM   236 O "O2'" . C   A 1 12 ? -7.747  13.131  9.966   1.00 36.38 ? 12  C   A "O2'" 1 
ATOM   237 C "C1'" . C   A 1 12 ? -7.690  13.070  7.445   1.00 30.47 ? 12  C   A "C1'" 1 
ATOM   238 N N1    . C   A 1 12 ? -7.122  13.606  6.154   1.00 26.88 ? 12  C   A N1    1 
ATOM   239 C C2    . C   A 1 12 ? -5.766  13.491  5.884   1.00 24.46 ? 12  C   A C2    1 
ATOM   240 O O2    . C   A 1 12 ? -4.922  13.405  6.759   1.00 22.31 ? 12  C   A O2    1 
ATOM   241 N N3    . C   A 1 12 ? -5.374  13.545  4.593   1.00 21.64 ? 12  C   A N3    1 
ATOM   242 C C4    . C   A 1 12 ? -6.112  14.253  3.730   1.00 20.77 ? 12  C   A C4    1 
ATOM   243 N N4    . C   A 1 12 ? -5.582  14.688  2.593   1.00 20.03 ? 12  C   A N4    1 
ATOM   244 C C5    . C   A 1 12 ? -7.437  14.607  4.041   1.00 21.26 ? 12  C   A C5    1 
ATOM   245 C C6    . C   A 1 12 ? -7.940  14.057  5.160   1.00 24.34 ? 12  C   A C6    1 
ATOM   246 O "O5'" . G   B 2 1  ? 5.189   12.981  2.612   1.00 25.85 ? 13  G   B "O5'" 1 
ATOM   247 C "C5'" . G   B 2 1  ? 5.659   12.793  3.956   1.00 26.27 ? 13  G   B "C5'" 1 
ATOM   248 C "C4'" . G   B 2 1  ? 4.595   12.841  5.107   1.00 26.49 ? 13  G   B "C4'" 1 
ATOM   249 O "O4'" . G   B 2 1  ? 3.640   13.910  4.943   1.00 24.77 ? 13  G   B "O4'" 1 
ATOM   250 C "C3'" . G   B 2 1  ? 3.822   11.571  5.309   1.00 27.43 ? 13  G   B "C3'" 1 
ATOM   251 O "O3'" . G   B 2 1  ? 4.652   10.615  6.005   1.00 32.36 ? 13  G   B "O3'" 1 
ATOM   252 C "C2'" . G   B 2 1  ? 2.710   12.117  6.154   1.00 26.56 ? 13  G   B "C2'" 1 
ATOM   253 O "O2'" . G   B 2 1  ? 3.170   12.207  7.486   1.00 29.94 ? 13  G   B "O2'" 1 
ATOM   254 C "C1'" . G   B 2 1  ? 2.436   13.510  5.558   1.00 22.52 ? 13  G   B "C1'" 1 
ATOM   255 N N9    . G   B 2 1  ? 1.368   13.536  4.532   1.00 18.57 ? 13  G   B N9    1 
ATOM   256 C C8    . G   B 2 1  ? 1.433   13.588  3.161   1.00 16.25 ? 13  G   B C8    1 
ATOM   257 N N7    . G   B 2 1  ? 0.258   13.758  2.583   1.00 15.85 ? 13  G   B N7    1 
ATOM   258 C C5    . G   B 2 1  ? -0.629  13.694  3.644   1.00 14.87 ? 13  G   B C5    1 
ATOM   259 C C6    . G   B 2 1  ? -2.034  13.756  3.668   1.00 19.32 ? 13  G   B C6    1 
ATOM   260 O O6    . G   B 2 1  ? -2.831  14.020  2.774   1.00 24.55 ? 13  G   B O6    1 
ATOM   261 N N1    . G   B 2 1  ? -2.531  13.575  4.919   1.00 20.20 ? 13  G   B N1    1 
ATOM   262 C C2    . G   B 2 1  ? -1.778  13.575  6.050   1.00 21.06 ? 13  G   B C2    1 
ATOM   263 N N2    . G   B 2 1  ? -2.457  13.783  7.156   1.00 24.57 ? 13  G   B N2    1 
ATOM   264 N N3    . G   B 2 1  ? -0.452  13.546  6.071   1.00 16.92 ? 13  G   B N3    1 
ATOM   265 C C4    . G   B 2 1  ? 0.046   13.605  4.825   1.00 16.66 ? 13  G   B C4    1 
ATOM   266 P P     . G   B 2 2  ? 4.075   8.912   5.800   1.00 33.39 ? 14  G   B P     1 
ATOM   267 O OP1   . G   B 2 2  ? 5.509   8.612   6.038   1.00 38.47 ? 14  G   B OP1   1 
ATOM   268 O OP2   . G   B 2 2  ? 3.557   8.300   4.421   1.00 32.85 ? 14  G   B OP2   1 
ATOM   269 O "O5'" . G   B 2 2  ? 3.841   8.839   7.532   1.00 30.26 ? 14  G   B "O5'" 1 
ATOM   270 C "C5'" . G   B 2 2  ? 2.848   7.870   7.611   1.00 26.72 ? 14  G   B "C5'" 1 
ATOM   271 C "C4'" . G   B 2 2  ? 1.730   8.421   8.383   1.00 27.27 ? 14  G   B "C4'" 1 
ATOM   272 O "O4'" . G   B 2 2  ? 1.293   9.707   7.905   1.00 30.60 ? 14  G   B "O4'" 1 
ATOM   273 C "C3'" . G   B 2 2  ? 0.660   7.477   8.069   1.00 28.19 ? 14  G   B "C3'" 1 
ATOM   274 O "O3'" . G   B 2 2  ? 0.853   6.289   8.815   1.00 33.21 ? 14  G   B "O3'" 1 
ATOM   275 C "C2'" . G   B 2 2  ? -0.600  8.221   8.297   1.00 29.35 ? 14  G   B "C2'" 1 
ATOM   276 O "O2'" . G   B 2 2  ? -1.236  8.127   9.573   1.00 25.38 ? 14  G   B "O2'" 1 
ATOM   277 C "C1'" . G   B 2 2  ? -0.144  9.652   7.914   1.00 30.82 ? 14  G   B "C1'" 1 
ATOM   278 N N9    . G   B 2 2  ? -0.704  9.987   6.595   1.00 32.06 ? 14  G   B N9    1 
ATOM   279 C C8    . G   B 2 2  ? -0.126  10.146  5.363   1.00 30.24 ? 14  G   B C8    1 
ATOM   280 N N7    . G   B 2 2  ? -1.017  10.292  4.402   1.00 29.49 ? 14  G   B N7    1 
ATOM   281 C C5    . G   B 2 2  ? -2.249  10.242  5.056   1.00 30.50 ? 14  G   B C5    1 
ATOM   282 C C6    . G   B 2 2  ? -3.570  10.463  4.596   1.00 34.92 ? 14  G   B C6    1 
ATOM   283 O O6    . G   B 2 2  ? -3.931  10.818  3.476   1.00 32.96 ? 14  G   B O6    1 
ATOM   284 N N1    . G   B 2 2  ? -4.524  10.279  5.608   1.00 37.09 ? 14  G   B N1    1 
ATOM   285 C C2    . G   B 2 2  ? -4.221  10.018  6.932   1.00 37.61 ? 14  G   B C2    1 
ATOM   286 N N2    . G   B 2 2  ? -5.135  10.216  7.872   1.00 39.13 ? 14  G   B N2    1 
ATOM   287 N N3    . G   B 2 2  ? -2.997  9.750   7.334   1.00 35.96 ? 14  G   B N3    1 
ATOM   288 C C4    . G   B 2 2  ? -2.062  9.979   6.374   1.00 33.76 ? 14  G   B C4    1 
ATOM   289 P P     . U   B 2 3  ? 1.072   4.883   8.099   1.00 33.12 ? 15  U   B P     1 
ATOM   290 O OP1   . U   B 2 3  ? 1.828   3.948   8.958   1.00 33.57 ? 15  U   B OP1   1 
ATOM   291 O OP2   . U   B 2 3  ? 1.576   5.166   6.733   1.00 35.62 ? 15  U   B OP2   1 
ATOM   292 O "O5'" . U   B 2 3  ? -0.526  4.486   8.046   1.00 29.62 ? 15  U   B "O5'" 1 
ATOM   293 C "C5'" . U   B 2 3  ? -1.387  4.412   9.217   1.00 31.05 ? 15  U   B "C5'" 1 
ATOM   294 C "C4'" . U   B 2 3  ? -2.929  4.769   9.072   1.00 31.60 ? 15  U   B "C4'" 1 
ATOM   295 O "O4'" . U   B 2 3  ? -3.197  6.075   8.548   1.00 28.56 ? 15  U   B "O4'" 1 
ATOM   296 C "C3'" . U   B 2 3  ? -3.680  3.857   8.119   1.00 33.63 ? 15  U   B "C3'" 1 
ATOM   297 O "O3'" . U   B 2 3  ? -3.986  2.542   8.659   1.00 36.99 ? 15  U   B "O3'" 1 
ATOM   298 C "C2'" . U   B 2 3  ? -4.899  4.681   7.834   1.00 30.73 ? 15  U   B "C2'" 1 
ATOM   299 O "O2'" . U   B 2 3  ? -5.724  4.627   9.003   1.00 35.05 ? 15  U   B "O2'" 1 
ATOM   300 C "C1'" . U   B 2 3  ? -4.290  6.042   7.619   1.00 27.57 ? 15  U   B "C1'" 1 
ATOM   301 N N1    . U   B 2 3  ? -3.832  6.369   6.223   1.00 27.27 ? 15  U   B N1    1 
ATOM   302 C C2    . U   B 2 3  ? -4.706  6.886   5.268   1.00 27.90 ? 15  U   B C2    1 
ATOM   303 O O2    . U   B 2 3  ? -5.916  7.093   5.420   1.00 31.92 ? 15  U   B O2    1 
ATOM   304 N N3    . U   B 2 3  ? -4.157  7.206   4.054   1.00 22.39 ? 15  U   B N3    1 
ATOM   305 C C4    . U   B 2 3  ? -2.870  7.036   3.679   1.00 23.86 ? 15  U   B C4    1 
ATOM   306 O O4    . U   B 2 3  ? -2.525  7.309   2.531   1.00 28.00 ? 15  U   B O4    1 
ATOM   307 C C5    . U   B 2 3  ? -2.020  6.591   4.717   1.00 21.05 ? 15  U   B C5    1 
ATOM   308 C C6    . U   B 2 3  ? -2.504  6.361   5.946   1.00 25.65 ? 15  U   B C6    1 
ATOM   309 P P     . G   B 2 4  ? -3.760  1.195   7.805   1.00 35.95 ? 16  G   B P     1 
ATOM   310 O OP1   . G   B 2 4  ? -3.877  0.075   8.752   1.00 41.19 ? 16  G   B OP1   1 
ATOM   311 O OP2   . G   B 2 4  ? -2.536  1.332   6.985   1.00 37.76 ? 16  G   B OP2   1 
ATOM   312 O "O5'" . G   B 2 4  ? -5.005  1.127   6.796   1.00 37.00 ? 16  G   B "O5'" 1 
ATOM   313 C "C5'" . G   B 2 4  ? -6.296  0.727   7.260   1.00 31.62 ? 16  G   B "C5'" 1 
ATOM   314 C "C4'" . G   B 2 4  ? -7.413  1.035   6.289   1.00 28.12 ? 16  G   B "C4'" 1 
ATOM   315 O "O4'" . G   B 2 4  ? -7.444  2.431   6.003   1.00 27.12 ? 16  G   B "O4'" 1 
ATOM   316 C "C3'" . G   B 2 4  ? -7.353  0.371   4.920   1.00 28.83 ? 16  G   B "C3'" 1 
ATOM   317 O "O3'" . G   B 2 4  ? -7.635  -1.054  4.773   1.00 25.24 ? 16  G   B "O3'" 1 
ATOM   318 C "C2'" . G   B 2 4  ? -8.403  1.265   4.292   1.00 29.20 ? 16  G   B "C2'" 1 
ATOM   319 O "O2'" . G   B 2 4  ? -9.671  0.882   4.894   1.00 31.85 ? 16  G   B "O2'" 1 
ATOM   320 C "C1'" . G   B 2 4  ? -7.861  2.650   4.674   1.00 26.27 ? 16  G   B "C1'" 1 
ATOM   321 N N9    . G   B 2 4  ? -6.640  3.115   3.945   1.00 27.42 ? 16  G   B N9    1 
ATOM   322 C C8    . G   B 2 4  ? -5.347  2.996   4.524   1.00 27.74 ? 16  G   B C8    1 
ATOM   323 N N7    . G   B 2 4  ? -4.465  3.600   3.532   1.00 26.62 ? 16  G   B N7    1 
ATOM   324 C C5    . G   B 2 4  ? -5.255  4.077   2.523   1.00 27.60 ? 16  G   B C5    1 
ATOM   325 C C6    . G   B 2 4  ? -4.850  4.711   1.337   1.00 31.89 ? 16  G   B C6    1 
ATOM   326 O O6    . G   B 2 4  ? -3.705  5.089   1.031   1.00 29.80 ? 16  G   B O6    1 
ATOM   327 N N1    . G   B 2 4  ? -5.950  4.867   0.478   1.00 34.70 ? 16  G   B N1    1 
ATOM   328 C C2    . G   B 2 4  ? -7.230  4.398   0.738   1.00 34.86 ? 16  G   B C2    1 
ATOM   329 N N2    . G   B 2 4  ? -8.063  4.224   -0.280  1.00 36.81 ? 16  G   B N2    1 
ATOM   330 N N3    . G   B 2 4  ? -7.639  3.984   1.929   1.00 30.34 ? 16  G   B N3    1 
ATOM   331 C C4    . G   B 2 4  ? -6.585  3.771   2.742   1.00 28.54 ? 16  G   B C4    1 
ATOM   332 P P     . C   B 2 5  ? -6.913  -1.886  3.624   1.00 24.13 ? 17  C   B P     1 
ATOM   333 O OP1   . C   B 2 5  ? -7.042  -3.332  3.806   1.00 31.58 ? 17  C   B OP1   1 
ATOM   334 O OP2   . C   B 2 5  ? -5.596  -1.311  3.288   1.00 25.03 ? 17  C   B OP2   1 
ATOM   335 O "O5'" . C   B 2 5  ? -7.853  -1.574  2.443   1.00 27.25 ? 17  C   B "O5'" 1 
ATOM   336 C "C5'" . C   B 2 5  ? -9.211  -1.951  2.225   1.00 24.17 ? 17  C   B "C5'" 1 
ATOM   337 C "C4'" . C   B 2 5  ? -9.607  -1.382  0.860   1.00 25.21 ? 17  C   B "C4'" 1 
ATOM   338 O "O4'" . C   B 2 5  ? -9.145  -0.026  0.753   1.00 25.11 ? 17  C   B "O4'" 1 
ATOM   339 C "C3'" . C   B 2 5  ? -8.834  -2.041  -0.227  1.00 26.61 ? 17  C   B "C3'" 1 
ATOM   340 O "O3'" . C   B 2 5  ? -9.335  -3.362  -0.459  1.00 29.31 ? 17  C   B "O3'" 1 
ATOM   341 C "C2'" . C   B 2 5  ? -8.986  -1.010  -1.326  1.00 26.14 ? 17  C   B "C2'" 1 
ATOM   342 O "O2'" . C   B 2 5  ? -10.295 -1.130  -1.920  1.00 28.05 ? 17  C   B "O2'" 1 
ATOM   343 C "C1'" . C   B 2 5  ? -8.760  0.339   -0.566  1.00 24.43 ? 17  C   B "C1'" 1 
ATOM   344 N N1    . C   B 2 5  ? -7.382  0.960   -0.483  1.00 22.24 ? 17  C   B N1    1 
ATOM   345 C C2    . C   B 2 5  ? -6.781  1.522   -1.596  1.00 19.54 ? 17  C   B C2    1 
ATOM   346 O O2    . C   B 2 5  ? -7.349  1.675   -2.662  1.00 20.71 ? 17  C   B O2    1 
ATOM   347 N N3    . C   B 2 5  ? -5.497  1.927   -1.535  1.00 20.31 ? 17  C   B N3    1 
ATOM   348 C C4    . C   B 2 5  ? -4.735  1.669   -0.489  1.00 20.71 ? 17  C   B C4    1 
ATOM   349 N N4    . C   B 2 5  ? -3.430  1.973   -0.550  1.00 21.43 ? 17  C   B N4    1 
ATOM   350 C C5    . C   B 2 5  ? -5.316  1.098   0.683   1.00 21.98 ? 17  C   B C5    1 
ATOM   351 C C6    . C   B 2 5  ? -6.648  0.835   0.657   1.00 22.27 ? 17  C   B C6    1 
ATOM   352 P P     . G   B 2 6  ? -8.406  -4.614  -0.844  1.00 32.31 ? 18  G   B P     1 
ATOM   353 O OP1   . G   B 2 6  ? -9.053  -5.838  -0.339  1.00 34.66 ? 18  G   B OP1   1 
ATOM   354 O OP2   . G   B 2 6  ? -7.002  -4.343  -0.500  1.00 31.73 ? 18  G   B OP2   1 
ATOM   355 O "O5'" . G   B 2 6  ? -8.391  -4.612  -2.444  1.00 33.22 ? 18  G   B "O5'" 1 
ATOM   356 C "C5'" . G   B 2 6  ? -9.409  -4.708  -3.449  1.00 30.48 ? 18  G   B "C5'" 1 
ATOM   357 C "C4'" . G   B 2 6  ? -8.925  -4.063  -4.768  1.00 27.64 ? 18  G   B "C4'" 1 
ATOM   358 O "O4'" . G   B 2 6  ? -8.930  -2.636  -4.645  1.00 27.42 ? 18  G   B "O4'" 1 
ATOM   359 C "C3'" . G   B 2 6  ? -7.438  -4.277  -5.141  1.00 29.85 ? 18  G   B "C3'" 1 
ATOM   360 O "O3'" . G   B 2 6  ? -6.863  -5.440  -5.774  1.00 31.22 ? 18  G   B "O3'" 1 
ATOM   361 C "C2'" . G   B 2 6  ? -7.317  -3.226  -6.202  1.00 28.29 ? 18  G   B "C2'" 1 
ATOM   362 O "O2'" . G   B 2 6  ? -8.046  -3.624  -7.359  1.00 28.77 ? 18  G   B "O2'" 1 
ATOM   363 C "C1'" . G   B 2 6  ? -7.969  -2.052  -5.544  1.00 26.95 ? 18  G   B "C1'" 1 
ATOM   364 N N9    . G   B 2 6  ? -7.224  -1.311  -4.594  1.00 27.09 ? 18  G   B N9    1 
ATOM   365 C C8    . G   B 2 6  ? -6.941  -1.654  -3.262  1.00 28.99 ? 18  G   B C8    1 
ATOM   366 N N7    . G   B 2 6  ? -5.628  -1.311  -3.024  1.00 29.90 ? 18  G   B N7    1 
ATOM   367 C C5    . G   B 2 6  ? -5.180  -0.759  -4.189  1.00 30.65 ? 18  G   B C5    1 
ATOM   368 C C6    . G   B 2 6  ? -3.993  -0.101  -4.393  1.00 34.64 ? 18  G   B C6    1 
ATOM   369 O O6    . G   B 2 6  ? -3.131  0.102   -3.530  1.00 38.64 ? 18  G   B O6    1 
ATOM   370 N N1    . G   B 2 6  ? -3.862  0.340   -5.688  1.00 32.09 ? 18  G   B N1    1 
ATOM   371 C C2    . G   B 2 6  ? -4.806  0.175   -6.645  1.00 32.23 ? 18  G   B C2    1 
ATOM   372 N N2    . G   B 2 6  ? -4.403  0.320   -7.901  1.00 28.52 ? 18  G   B N2    1 
ATOM   373 N N3    . G   B 2 6  ? -6.053  -0.211  -6.374  1.00 29.70 ? 18  G   B N3    1 
ATOM   374 C C4    . G   B 2 6  ? -6.142  -0.712  -5.139  1.00 28.92 ? 18  G   B C4    1 
ATOM   375 P P     . G   B 2 7  ? -6.996  -6.981  -5.485  1.00 30.92 ? 19  G   B P     1 
ATOM   376 O OP1   . G   B 2 7  ? -8.361  -7.396  -5.903  1.00 32.85 ? 19  G   B OP1   1 
ATOM   377 O OP2   . G   B 2 7  ? -6.459  -7.366  -4.161  1.00 31.39 ? 19  G   B OP2   1 
ATOM   378 O "O5'" . G   B 2 7  ? -5.889  -7.411  -6.582  1.00 29.90 ? 19  G   B "O5'" 1 
ATOM   379 C "C5'" . G   B 2 7  ? -5.991  -7.208  -7.999  1.00 29.34 ? 19  G   B "C5'" 1 
ATOM   380 C "C4'" . G   B 2 7  ? -4.984  -6.219  -8.617  1.00 28.00 ? 19  G   B "C4'" 1 
ATOM   381 O "O4'" . G   B 2 7  ? -5.184  -4.946  -7.968  1.00 26.35 ? 19  G   B "O4'" 1 
ATOM   382 C "C3'" . G   B 2 7  ? -3.533  -6.627  -8.473  1.00 29.76 ? 19  G   B "C3'" 1 
ATOM   383 O "O3'" . G   B 2 7  ? -3.063  -7.785  -9.202  1.00 30.27 ? 19  G   B "O3'" 1 
ATOM   384 C "C2'" . G   B 2 7  ? -2.835  -5.355  -8.822  1.00 26.50 ? 19  G   B "C2'" 1 
ATOM   385 O "O2'" . G   B 2 7  ? -2.734  -5.192  -10.210 1.00 31.84 ? 19  G   B "O2'" 1 
ATOM   386 C "C1'" . G   B 2 7  ? -3.767  -4.325  -8.262  1.00 25.56 ? 19  G   B "C1'" 1 
ATOM   387 N N9    . G   B 2 7  ? -3.390  -4.070  -7.066  1.00 25.64 ? 19  G   B N9    1 
ATOM   388 C C8    . G   B 2 7  ? -4.084  -4.397  -5.834  1.00 26.74 ? 19  G   B C8    1 
ATOM   389 N N7    . G   B 2 7  ? -3.271  -3.618  -4.898  1.00 29.24 ? 19  G   B N7    1 
ATOM   390 C C5    . G   B 2 7  ? -2.203  -3.051  -5.583  1.00 28.34 ? 19  G   B C5    1 
ATOM   391 C C6    . G   B 2 7  ? -1.173  -2.226  -5.106  1.00 30.09 ? 19  G   B C6    1 
ATOM   392 O O6    . G   B 2 7  ? -0.873  -1.965  -3.945  1.00 31.76 ? 19  G   B O6    1 
ATOM   393 N N1    . G   B 2 7  ? -0.445  -1.671  -6.149  1.00 31.09 ? 19  G   B N1    1 
ATOM   394 C C2    . G   B 2 7  ? -0.680  -1.858  -7.497  1.00 29.22 ? 19  G   B C2    1 
ATOM   395 N N2    . G   B 2 7  ? 0.274   -1.440  -8.337  1.00 23.70 ? 19  G   B N2    1 
ATOM   396 N N3    . G   B 2 7  ? -1.728  -2.553  -7.947  1.00 28.62 ? 19  G   B N3    1 
ATOM   397 C C4    . G   B 2 7  ? -2.357  -3.214  -6.931  1.00 28.59 ? 19  G   B C4    1 
ATOM   398 P P     . G   B 2 8  ? -1.851  -8.625  -8.552  1.00 32.19 ? 20  G   B P     1 
ATOM   399 O OP1   . G   B 2 8  ? -1.708  -9.931  -9.231  1.00 35.28 ? 20  G   B OP1   1 
ATOM   400 O OP2   . G   B 2 8  ? -1.997  -8.612  -7.087  1.00 31.72 ? 20  G   B OP2   1 
ATOM   401 O "O5'" . G   B 2 8  ? -0.595  -7.715  -8.925  1.00 30.63 ? 20  G   B "O5'" 1 
ATOM   402 C "C5'" . G   B 2 8  ? -0.118  -7.549  -10.264 1.00 29.17 ? 20  G   B "C5'" 1 
ATOM   403 C "C4'" . G   B 2 8  ? 1.085   -6.610  -10.327 1.00 27.32 ? 20  G   B "C4'" 1 
ATOM   404 O "O4'" . G   B 2 8  ? 0.706   -5.405  -9.663  1.00 25.61 ? 20  G   B "O4'" 1 
ATOM   405 C "C3'" . G   B 2 8  ? 2.338   -7.120  -9.587  1.00 27.80 ? 20  G   B "C3'" 1 
ATOM   406 O "O3'" . G   B 2 8  ? 3.156   -8.079  -10.271 1.00 27.69 ? 20  G   B "O3'" 1 
ATOM   407 C "C2'" . G   B 2 8  ? 3.056   -5.822  -9.388  1.00 25.20 ? 20  G   B "C2'" 1 
ATOM   408 O "O2'" . G   B 2 8  ? 3.782   -5.407  -10.538 1.00 28.22 ? 20  G   B "O2'" 1 
ATOM   409 C "C1'" . G   B 2 8  ? 1.891   -4.894  -9.081  1.00 24.64 ? 20  G   B "C1'" 1 
ATOM   410 N N9    . G   B 2 8  ? 1.700   -4.883  -7.650  1.00 23.65 ? 20  G   B N9    1 
ATOM   411 C C8    . G   B 2 8  ? 0.835   -5.602  -6.908  1.00 22.91 ? 20  G   B C8    1 
ATOM   412 N N7    . G   B 2 8  ? 0.855   -5.293  -5.655  1.00 23.63 ? 20  G   B N7    1 
ATOM   413 C C5    . G   B 2 8  ? 1.846   -4.306  -5.565  1.00 23.39 ? 20  G   B C5    1 
ATOM   414 C C6    . G   B 2 8  ? 2.288   -3.532  -4.468  1.00 21.72 ? 20  G   B C6    1 
ATOM   415 O O6    . G   B 2 8  ? 1.810   -3.440  -3.339  1.00 22.93 ? 20  G   B O6    1 
ATOM   416 N N1    . G   B 2 8  ? 3.382   -2.789  -4.785  1.00 20.45 ? 20  G   B N1    1 
ATOM   417 C C2    . G   B 2 8  ? 3.924   -2.674  -6.015  1.00 22.20 ? 20  G   B C2    1 
ATOM   418 N N2    . G   B 2 8  ? 4.921   -1.836  -6.147  1.00 23.87 ? 20  G   B N2    1 
ATOM   419 N N3    . G   B 2 8  ? 3.469   -3.278  -7.076  1.00 24.41 ? 20  G   B N3    1 
ATOM   420 C C4    . G   B 2 8  ? 2.423   -4.108  -6.772  1.00 24.67 ? 20  G   B C4    1 
ATOM   421 P P     . G   B 2 9  ? 3.891   -9.322  -9.562  1.00 31.56 ? 21  G   B P     1 
ATOM   422 O OP1   . G   B 2 9  ? 4.397   -10.187 -10.654 1.00 32.91 ? 21  G   B OP1   1 
ATOM   423 O OP2   . G   B 2 9  ? 3.055   -9.842  -8.450  1.00 28.33 ? 21  G   B OP2   1 
ATOM   424 O "O5'" . G   B 2 9  ? 5.216   -8.816  -8.808  1.00 31.80 ? 21  G   B "O5'" 1 
ATOM   425 C "C5'" . G   B 2 9  ? 6.347   -8.194  -9.451  1.00 29.93 ? 21  G   B "C5'" 1 
ATOM   426 C "C4'" . G   B 2 9  ? 7.065   -7.213  -8.483  1.00 26.58 ? 21  G   B "C4'" 1 
ATOM   427 O "O4'" . G   B 2 9  ? 6.103   -6.328  -7.857  1.00 25.67 ? 21  G   B "O4'" 1 
ATOM   428 C "C3'" . G   B 2 9  ? 7.588   -7.950  -7.288  1.00 26.95 ? 21  G   B "C3'" 1 
ATOM   429 O "O3'" . G   B 2 9  ? 8.737   -8.794  -7.465  1.00 29.67 ? 21  G   B "O3'" 1 
ATOM   430 C "C2'" . G   B 2 9  ? 7.822   -6.839  -6.363  1.00 25.72 ? 21  G   B "C2'" 1 
ATOM   431 O "O2'" . G   B 2 9  ? 9.047   -6.239  -6.643  1.00 27.06 ? 21  G   B "O2'" 1 
ATOM   432 C "C1'" . G   B 2 9  ? 6.700   -5.891  -6.660  1.00 25.92 ? 21  G   B "C1'" 1 
ATOM   433 N N9    . G   B 2 9  ? 5.804   -5.878  -5.508  1.00 25.87 ? 21  G   B N9    1 
ATOM   434 C C8    . G   B 2 9  ? 4.635   -6.547  -5.276  1.00 24.73 ? 21  G   B C8    1 
ATOM   435 N N7    . G   B 2 9  ? 4.161   -6.290  -4.083  1.00 26.99 ? 21  G   B N7    1 
ATOM   436 C C5    . G   B 2 9  ? 5.165   -5.529  -3.455  1.00 27.28 ? 21  G   B C5    1 
ATOM   437 C C6    . G   B 2 9  ? 5.226   -4.838  -2.193  1.00 29.42 ? 21  G   B C6    1 
ATOM   438 O O6    . G   B 2 9  ? 4.347   -4.596  -1.379  1.00 29.23 ? 21  G   B O6    1 
ATOM   439 N N1    . G   B 2 9  ? 6.455   -4.279  -1.933  1.00 28.38 ? 21  G   B N1    1 
ATOM   440 C C2    . G   B 2 9  ? 7.492   -4.298  -2.807  1.00 30.06 ? 21  G   B C2    1 
ATOM   441 N N2    . G   B 2 9  ? 8.683   -3.967  -2.329  1.00 31.53 ? 21  G   B N2    1 
ATOM   442 N N3    . G   B 2 9  ? 7.377   -4.742  -4.053  1.00 27.91 ? 21  G   B N3    1 
ATOM   443 C C4    . G   B 2 9  ? 6.183   -5.320  -4.316  1.00 25.68 ? 21  G   B C4    1 
ATOM   444 P P     . G   B 2 10 ? 9.155   -9.688  -6.253  1.00 30.27 ? 22  G   B P     1 
ATOM   445 O OP1   . G   B 2 10 ? 9.954   -10.807 -6.723  1.00 32.49 ? 22  G   B OP1   1 
ATOM   446 O OP2   . G   B 2 10 ? 7.915   -9.961  -5.499  1.00 30.34 ? 22  G   B OP2   1 
ATOM   447 O "O5'" . G   B 2 10 ? 10.102  -8.796  -5.338  1.00 30.06 ? 22  G   B "O5'" 1 
ATOM   448 C "C5'" . G   B 2 10 ? 11.435  -8.391  -5.611  1.00 29.59 ? 22  G   B "C5'" 1 
ATOM   449 C "C4'" . G   B 2 10 ? 12.091  -7.619  -4.411  1.00 29.39 ? 22  G   B "C4'" 1 
ATOM   450 O "O4'" . G   B 2 10 ? 11.311  -6.576  -3.809  1.00 31.14 ? 22  G   B "O4'" 1 
ATOM   451 C "C3'" . G   B 2 10 ? 12.315  -8.491  -3.246  1.00 31.04 ? 22  G   B "C3'" 1 
ATOM   452 O "O3'" . G   B 2 10 ? 13.382  -9.363  -3.529  1.00 30.60 ? 22  G   B "O3'" 1 
ATOM   453 C "C2'" . G   B 2 10 ? 12.594  -7.513  -2.102  1.00 31.20 ? 22  G   B "C2'" 1 
ATOM   454 O "O2'" . G   B 2 10 ? 13.919  -6.991  -2.280  1.00 35.50 ? 22  G   B "O2'" 1 
ATOM   455 C "C1'" . G   B 2 10 ? 11.504  -6.489  -2.347  1.00 28.21 ? 22  G   B "C1'" 1 
ATOM   456 N N9    . G   B 2 10 ? 10.216  -6.866  -1.720  1.00 26.34 ? 22  G   B N9    1 
ATOM   457 C C8    . G   B 2 10 ? 9.156   -7.435  -2.388  1.00 25.47 ? 22  G   B C8    1 
ATOM   458 N N7    . G   B 2 10 ? 8.022   -7.369  -1.761  1.00 26.68 ? 22  G   B N7    1 
ATOM   459 C C5    . G   B 2 10 ? 8.366   -6.755  -0.551  1.00 23.13 ? 22  G   B C5    1 
ATOM   460 C C6    . G   B 2 10 ? 7.551   -6.481  0.569   1.00 21.31 ? 22  G   B C6    1 
ATOM   461 O O6    . G   B 2 10 ? 6.344   -6.584  0.688   1.00 22.16 ? 22  G   B O6    1 
ATOM   462 N N1    . G   B 2 10 ? 8.278   -6.057  1.634   1.00 21.85 ? 22  G   B N1    1 
ATOM   463 C C2    . G   B 2 10 ? 9.624   -5.929  1.627   1.00 21.55 ? 22  G   B C2    1 
ATOM   464 N N2    . G   B 2 10 ? 10.127  -5.938  2.823   1.00 20.57 ? 22  G   B N2    1 
ATOM   465 N N3    . G   B 2 10 ? 10.403  -6.005  0.549   1.00 21.59 ? 22  G   B N3    1 
ATOM   466 C C4    . G   B 2 10 ? 9.705   -6.463  -0.508  1.00 22.88 ? 22  G   B C4    1 
ATOM   467 P P     . A   B 2 11 ? 13.316  -10.828 -2.960  1.00 33.36 ? 23  A   B P     1 
ATOM   468 O OP1   . A   B 2 11 ? 14.388  -11.646 -3.578  1.00 33.81 ? 23  A   B OP1   1 
ATOM   469 O OP2   . A   B 2 11 ? 11.892  -11.305 -2.914  1.00 32.18 ? 23  A   B OP2   1 
ATOM   470 O "O5'" . A   B 2 11 ? 13.811  -10.352 -1.535  1.00 32.85 ? 23  A   B "O5'" 1 
ATOM   471 C "C5'" . A   B 2 11 ? 13.899  -11.301 -0.473  1.00 30.99 ? 23  A   B "C5'" 1 
ATOM   472 C "C4'" . A   B 2 11 ? 14.137  -10.594 0.838   1.00 26.58 ? 23  A   B "C4'" 1 
ATOM   473 O "O4'" . A   B 2 11 ? 13.379  -9.379  0.889   1.00 26.17 ? 23  A   B "O4'" 1 
ATOM   474 C "C3'" . A   B 2 11 ? 13.509  -11.492 1.829   1.00 23.49 ? 23  A   B "C3'" 1 
ATOM   475 O "O3'" . A   B 2 11 ? 14.374  -12.499 2.256   1.00 26.02 ? 23  A   B "O3'" 1 
ATOM   476 C "C2'" . A   B 2 11 ? 12.917  -10.614 2.867   1.00 23.48 ? 23  A   B "C2'" 1 
ATOM   477 O "O2'" . A   B 2 11 ? 13.912  -10.253 3.826   1.00 26.50 ? 23  A   B "O2'" 1 
ATOM   478 C "C1'" . A   B 2 11 ? 12.444  -9.449  1.959   1.00 22.32 ? 23  A   B "C1'" 1 
ATOM   479 N N9    . A   B 2 11 ? 11.130  -9.626  1.320   1.00 20.73 ? 23  A   B N9    1 
ATOM   480 C C8    . A   B 2 11 ? 10.995  -9.897  -0.122  1.00 19.15 ? 23  A   B C8    1 
ATOM   481 N N7    . A   B 2 11 ? 9.531   -10.026 -0.225  1.00 16.09 ? 23  A   B N7    1 
ATOM   482 C C5    . A   B 2 11 ? 8.990   -9.792  1.037   1.00 17.04 ? 23  A   B C5    1 
ATOM   483 C C6    . A   B 2 11 ? 7.691   -9.660  1.478   1.00 16.14 ? 23  A   B C6    1 
ATOM   484 N N6    . A   B 2 11 ? 6.681   -9.643  0.659   1.00 16.36 ? 23  A   B N6    1 
ATOM   485 N N1    . A   B 2 11 ? 7.483   -9.415  2.768   1.00 18.43 ? 23  A   B N1    1 
ATOM   486 C C2    . A   B 2 11 ? 8.517   -9.075  3.548   1.00 21.67 ? 23  A   B C2    1 
ATOM   487 N N3    . A   B 2 11 ? 9.789   -9.058  3.230   1.00 21.19 ? 23  A   B N3    1 
ATOM   488 C C4    . A   B 2 11 ? 9.953   -9.498  1.961   1.00 19.45 ? 23  A   B C4    1 
ATOM   489 P P     . U   B 2 12 ? 13.869  -14.002 2.071   1.00 30.98 ? 24  U   B P     1 
ATOM   490 O OP1   . U   B 2 12 ? 15.055  -14.885 2.236   1.00 29.16 ? 24  U   B OP1   1 
ATOM   491 O OP2   . U   B 2 12 ? 13.071  -14.074 0.831   1.00 33.01 ? 24  U   B OP2   1 
ATOM   492 O "O5'" . U   B 2 12 ? 12.728  -14.260 3.219   1.00 27.87 ? 24  U   B "O5'" 1 
ATOM   493 C "C5'" . U   B 2 12 ? 13.043  -14.230 4.595   1.00 24.46 ? 24  U   B "C5'" 1 
ATOM   494 C "C4'" . U   B 2 12 ? 11.885  -13.940 5.495   1.00 22.24 ? 24  U   B "C4'" 1 
ATOM   495 O "O4'" . U   B 2 12 ? 11.169  -12.795 5.057   1.00 21.46 ? 24  U   B "O4'" 1 
ATOM   496 C "C3'" . U   B 2 12 ? 10.939  -15.049 5.599   1.00 22.48 ? 24  U   B "C3'" 1 
ATOM   497 O "O3'" . U   B 2 12 ? 11.322  -16.122 6.489   1.00 29.47 ? 24  U   B "O3'" 1 
ATOM   498 C "C2'" . U   B 2 12 ? 9.700   -14.315 6.100   1.00 24.16 ? 24  U   B "C2'" 1 
ATOM   499 O "O2'" . U   B 2 12 ? 9.371   -14.481 7.513   1.00 22.27 ? 24  U   B "O2'" 1 
ATOM   500 C "C1'" . U   B 2 12 ? 9.800   -12.878 5.452   1.00 19.61 ? 24  U   B "C1'" 1 
ATOM   501 N N1    . U   B 2 12 ? 9.025   -12.703 4.164   1.00 18.50 ? 24  U   B N1    1 
ATOM   502 C C2    . U   B 2 12 ? 7.642   -12.871 4.211   1.00 14.51 ? 24  U   B C2    1 
ATOM   503 O O2    . U   B 2 12 ? 6.903   -12.744 5.206   1.00 15.29 ? 24  U   B O2    1 
ATOM   504 N N3    . U   B 2 12 ? 7.088   -13.234 3.045   1.00 14.36 ? 24  U   B N3    1 
ATOM   505 C C4    . U   B 2 12 ? 7.701   -13.404 1.816   1.00 19.01 ? 24  U   B C4    1 
ATOM   506 O O4    . U   B 2 12 ? 7.024   -13.456 0.792   1.00 19.87 ? 24  U   B O4    1 
ATOM   507 C C5    . U   B 2 12 ? 9.127   -13.385 1.859   1.00 18.76 ? 24  U   B C5    1 
ATOM   508 C C6    . U   B 2 12 ? 9.704   -12.885 2.972   1.00 19.23 ? 24  U   B C6    1 
HETATM 509 O O     . HOH C 3 .  ? 1.150   -16.540 8.850   1.00 36.89 ? 13  HOH A O     1 
HETATM 510 O O     . HOH C 3 .  ? 3.607   0.895   -10.349 1.00 46.27 ? 14  HOH A O     1 
HETATM 511 O O     . HOH C 3 .  ? 15.383  0.041   -8.059  1.00 51.76 ? 15  HOH A O     1 
HETATM 512 O O     . HOH C 3 .  ? 13.737  -1.763  -3.977  1.00 41.36 ? 16  HOH A O     1 
HETATM 513 O O     . HOH C 3 .  ? -15.102 14.241  -7.410  1.00 27.56 ? 17  HOH A O     1 
HETATM 514 O O     . HOH C 3 .  ? 14.784  6.871   -8.030  1.00 29.72 ? 18  HOH A O     1 
HETATM 515 O O     . HOH C 3 .  ? -16.585 5.517   -0.324  1.00 33.25 ? 19  HOH A O     1 
HETATM 516 O O     . HOH C 3 .  ? 14.794  -0.502  -0.788  1.00 35.47 ? 20  HOH A O     1 
HETATM 517 O O     . HOH C 3 .  ? -18.618 16.742  0.870   1.00 33.62 ? 21  HOH A O     1 
HETATM 518 O O     . HOH C 3 .  ? -3.159  15.265  13.712  1.00 38.19 ? 22  HOH A O     1 
HETATM 519 O O     . HOH C 3 .  ? -13.397 12.809  11.966  1.00 30.79 ? 23  HOH A O     1 
HETATM 520 O O     . HOH C 3 .  ? -2.276  -11.120 10.251  1.00 22.80 ? 24  HOH A O     1 
HETATM 521 O O     . HOH C 3 .  ? -8.596  -18.928 12.510  1.00 20.59 ? 25  HOH A O     1 
HETATM 522 O O     . HOH C 3 .  ? -1.260  12.650  -7.979  1.00 33.98 ? 26  HOH A O     1 
HETATM 523 O O     . HOH C 3 .  ? -0.579  -17.370 -1.993  1.00 22.99 ? 27  HOH A O     1 
HETATM 524 O O     . HOH C 3 .  ? 17.258  -2.183  2.999   1.00 32.05 ? 28  HOH A O     1 
HETATM 525 O O     . HOH C 3 .  ? 1.471   -13.786 8.553   1.00 25.56 ? 29  HOH A O     1 
HETATM 526 O O     . HOH C 3 .  ? -2.687  -4.517  8.185   1.00 34.89 ? 30  HOH A O     1 
HETATM 527 O O     . HOH C 3 .  ? -16.455 14.578  -4.385  1.00 32.32 ? 31  HOH A O     1 
HETATM 528 O O     . HOH C 3 .  ? -20.622 4.876   3.718   1.00 19.64 ? 32  HOH A O     1 
HETATM 529 O O     . HOH C 3 .  ? -15.775 5.772   2.436   1.00 31.95 ? 33  HOH A O     1 
HETATM 530 O O     . HOH C 3 .  ? 11.987  8.736   -5.061  1.00 41.28 ? 34  HOH A O     1 
HETATM 531 O O     . HOH C 3 .  ? -10.538 14.459  14.898  1.00 41.85 ? 35  HOH A O     1 
HETATM 532 O O     . HOH C 3 .  ? 2.296   -14.551 -2.272  1.00 39.76 ? 36  HOH A O     1 
HETATM 533 O O     . HOH C 3 .  ? -4.190  9.130   -1.861  1.00 36.35 ? 37  HOH A O     1 
HETATM 534 O O     . HOH C 3 .  ? 0.720   2.294   -1.315  1.00 43.12 ? 38  HOH A O     1 
HETATM 535 O O     . HOH C 3 .  ? 2.886   -1.594  4.471   1.00 30.80 ? 39  HOH A O     1 
HETATM 536 O O     . HOH C 3 .  ? 1.627   0.842   2.188   1.00 24.42 ? 40  HOH A O     1 
HETATM 537 O O     . HOH C 3 .  ? 3.717   4.219   1.950   1.00 40.74 ? 41  HOH A O     1 
HETATM 538 O O     . HOH C 3 .  ? 4.074   2.973   -0.575  1.00 22.81 ? 42  HOH A O     1 
HETATM 539 O O     . HOH C 3 .  ? -0.314  10.278  -4.096  1.00 24.64 ? 43  HOH A O     1 
HETATM 540 O O     . HOH C 3 .  ? -7.179  12.501  -2.620  1.00 48.48 ? 44  HOH A O     1 
HETATM 541 O O     . HOH C 3 .  ? -8.627  14.569  0.278   1.00 31.54 ? 45  HOH A O     1 
HETATM 542 O O     . HOH C 3 .  ? -1.854  -4.286  5.735   1.00 31.71 ? 46  HOH A O     1 
HETATM 543 O O     . HOH C 3 .  ? 0.220   -1.167  0.608   1.00 22.27 ? 47  HOH A O     1 
HETATM 544 O O     . HOH C 3 .  ? 2.911   -8.640  0.441   1.00 28.63 ? 48  HOH A O     1 
HETATM 545 O O     . HOH C 3 .  ? -0.129  -7.900  1.291   1.00 33.59 ? 49  HOH A O     1 
HETATM 546 O O     . HOH C 3 .  ? 0.472   7.296   -6.542  1.00 22.58 ? 50  HOH A O     1 
HETATM 547 O O     . HOH C 3 .  ? 5.002   9.530   0.748   1.00 27.85 ? 51  HOH A O     1 
HETATM 548 O O     . HOH C 3 .  ? -2.299  8.747   -6.857  1.00 20.85 ? 52  HOH A O     1 
HETATM 549 O O     . HOH C 3 .  ? -2.663  -8.326  2.635   1.00 36.91 ? 53  HOH A O     1 
HETATM 550 O O     . HOH C 3 .  ? -5.123  -7.464  3.081   1.00 24.93 ? 54  HOH A O     1 
HETATM 551 O O     . HOH C 3 .  ? 10.973  2.503   3.748   1.00 42.48 ? 55  HOH A O     1 
HETATM 552 O O     . HOH C 3 .  ? 10.448  6.604   3.448   1.00 27.49 ? 56  HOH A O     1 
HETATM 553 O O     . HOH C 3 .  ? 8.952   6.621   0.919   1.00 19.84 ? 57  HOH A O     1 
HETATM 554 O O     . HOH C 3 .  ? 12.561  5.054   -1.625  1.00 39.74 ? 58  HOH A O     1 
HETATM 555 O O     . HOH C 3 .  ? 1.705   12.113  -7.485  1.00 32.84 ? 59  HOH A O     1 
HETATM 556 O O     . HOH C 3 .  ? -11.571 3.451   -3.846  1.00 26.40 ? 60  HOH A O     1 
HETATM 557 O O     . HOH C 3 .  ? -9.230  8.706   7.620   1.00 33.76 ? 61  HOH A O     1 
HETATM 558 O O     . HOH C 3 .  ? -11.411 5.737   5.614   1.00 32.85 ? 62  HOH A O     1 
HETATM 559 O O     . HOH C 3 .  ? -12.908 16.466  10.572  1.00 25.54 ? 63  HOH A O     1 
HETATM 560 O O     . HOH C 3 .  ? -15.267 15.462  8.026   1.00 22.75 ? 64  HOH A O     1 
HETATM 561 O O     . HOH C 3 .  ? -3.239  -14.222 11.808  1.00 29.48 ? 65  HOH A O     1 
HETATM 562 O O     . HOH C 3 .  ? -4.786  -10.462 12.292  1.00 36.75 ? 66  HOH A O     1 
HETATM 563 O O     . HOH C 3 .  ? -2.422  -7.600  11.165  1.00 41.28 ? 67  HOH A O     1 
HETATM 564 O O     . HOH C 3 .  ? 6.547   7.329   0.632   1.00 37.38 ? 68  HOH A O     1 
HETATM 565 O O     . HOH C 3 .  ? -0.183  -1.295  10.432  1.00 32.09 ? 69  HOH A O     1 
HETATM 566 O O     . HOH C 3 .  ? -2.132  -4.237  11.764  1.00 20.00 ? 70  HOH A O     1 
HETATM 567 O O     . HOH C 3 .  ? 7.862   8.404   -6.269  1.00 29.13 ? 71  HOH A O     1 
HETATM 568 O O     . HOH C 3 .  ? -8.405  15.764  -2.266  1.00 53.71 ? 72  HOH A O     1 
HETATM 569 O O     . HOH C 3 .  ? -15.567 12.741  4.844   1.00 30.53 ? 73  HOH A O     1 
HETATM 570 O O     . HOH C 3 .  ? -13.773 12.794  8.553   1.00 29.99 ? 74  HOH A O     1 
HETATM 571 O O     . HOH C 3 .  ? -13.704 13.163  -5.200  1.00 20.80 ? 75  HOH A O     1 
HETATM 572 O O     . HOH C 3 .  ? 12.568  0.688   -0.040  1.00 32.40 ? 76  HOH A O     1 
HETATM 573 O O     . HOH C 3 .  ? -16.048 9.706   -1.388  1.00 32.70 ? 77  HOH A O     1 
HETATM 574 O O     . HOH C 3 .  ? -14.493 6.984   -2.340  1.00 39.48 ? 78  HOH A O     1 
HETATM 575 O O     . HOH C 3 .  ? -8.563  10.628  11.631  1.00 46.70 ? 79  HOH A O     1 
HETATM 576 O O     . HOH C 3 .  ? 11.370  -2.441  0.754   1.00 31.19 ? 80  HOH A O     1 
HETATM 577 O O     . HOH C 3 .  ? 5.989   -10.701 10.192  1.00 30.59 ? 81  HOH A O     1 
HETATM 578 O O     . HOH C 3 .  ? 6.355   -0.592  -9.713  1.00 32.09 ? 82  HOH A O     1 
HETATM 579 O O     . HOH C 3 .  ? -4.170  -12.878 0.644   1.00 49.49 ? 83  HOH A O     1 
HETATM 580 O O     . HOH C 3 .  ? -15.110 8.579   2.449   1.00 24.73 ? 84  HOH A O     1 
HETATM 581 O O     . HOH C 3 .  ? 7.951   5.247   -9.834  1.00 29.77 ? 85  HOH A O     1 
HETATM 582 O O     . HOH C 3 .  ? 9.927   2.104   -8.591  1.00 25.93 ? 86  HOH A O     1 
HETATM 583 O O     . HOH C 3 .  ? -5.845  15.325  -2.827  1.00 38.52 ? 87  HOH A O     1 
HETATM 584 O O     . HOH C 3 .  ? -7.810  -11.812 6.518   1.00 37.39 ? 88  HOH A O     1 
HETATM 585 O O     . HOH C 3 .  ? -10.731 7.873   12.421  1.00 26.28 ? 89  HOH A O     1 
HETATM 586 O O     . HOH D 3 .  ? -15.931 0.462   1.277   1.00 31.22 ? 25  HOH B O     1 
HETATM 587 O O     . HOH D 3 .  ? 11.861  -13.757 -15.630 1.00 26.57 ? 26  HOH B O     1 
HETATM 588 O O     . HOH D 3 .  ? 14.772  -6.079  -9.853  1.00 29.28 ? 27  HOH B O     1 
HETATM 589 O O     . HOH D 3 .  ? 17.419  -1.697  -8.852  1.00 22.56 ? 28  HOH B O     1 
HETATM 590 O O     . HOH D 3 .  ? 18.161  -5.864  -6.649  1.00 53.96 ? 29  HOH B O     1 
HETATM 591 O O     . HOH D 3 .  ? 20.234  -3.583  -2.237  1.00 42.56 ? 30  HOH B O     1 
HETATM 592 O O     . HOH D 3 .  ? -11.842 -7.551  5.104   1.00 44.97 ? 31  HOH B O     1 
HETATM 593 O O     . HOH D 3 .  ? -8.315  -13.392 -4.932  1.00 27.58 ? 32  HOH B O     1 
HETATM 594 O O     . HOH D 3 .  ? -13.751 -12.610 -4.616  1.00 24.25 ? 33  HOH B O     1 
HETATM 595 O O     . HOH D 3 .  ? 6.763   -15.679 -10.154 1.00 46.90 ? 34  HOH B O     1 
HETATM 596 O O     . HOH D 3 .  ? -10.680 -7.874  -4.581  1.00 35.86 ? 35  HOH B O     1 
HETATM 597 O O     . HOH D 3 .  ? -11.970 4.011   -0.635  1.00 46.62 ? 36  HOH B O     1 
HETATM 598 O O     . HOH D 3 .  ? 20.342  -7.578  -6.681  1.00 32.61 ? 37  HOH B O     1 
HETATM 599 O O     . HOH D 3 .  ? 20.159  -5.198  -8.213  1.00 27.87 ? 38  HOH B O     1 
HETATM 600 O O     . HOH D 3 .  ? 20.249  2.702   -3.416  1.00 21.01 ? 39  HOH B O     1 
HETATM 601 O O     . HOH D 3 .  ? 4.550   -5.380  -16.416 1.00 34.43 ? 40  HOH B O     1 
HETATM 602 O O     . HOH D 3 .  ? -11.311 -6.411  7.758   1.00 29.35 ? 41  HOH B O     1 
HETATM 603 O O     . HOH D 3 .  ? -10.986 5.088   13.696  1.00 30.77 ? 42  HOH B O     1 
HETATM 604 O O     . HOH D 3 .  ? 6.276   11.062  13.821  1.00 29.44 ? 43  HOH B O     1 
HETATM 605 O O     . HOH D 3 .  ? 8.161   -19.757 -10.718 1.00 22.81 ? 44  HOH B O     1 
HETATM 606 O O     . HOH D 3 .  ? 15.555  -19.012 -0.119  1.00 30.30 ? 45  HOH B O     1 
HETATM 607 O O     . HOH D 3 .  ? 8.035   -14.347 -12.141 1.00 27.89 ? 46  HOH B O     1 
HETATM 608 O O     . HOH D 3 .  ? 15.202  -18.110 2.356   1.00 29.87 ? 47  HOH B O     1 
HETATM 609 O O     . HOH D 3 .  ? -6.113  -10.604 -7.517  1.00 19.32 ? 48  HOH B O     1 
HETATM 610 O O     . HOH D 3 .  ? -0.638  7.833   0.755   1.00 27.04 ? 49  HOH B O     1 
HETATM 611 O O     . HOH D 3 .  ? -1.631  5.793   -0.657  1.00 27.29 ? 50  HOH B O     1 
HETATM 612 O O     . HOH D 3 .  ? 1.728   4.158   3.662   1.00 27.38 ? 51  HOH B O     1 
HETATM 613 O O     . HOH D 3 .  ? -3.109  -1.672  6.609   1.00 21.98 ? 52  HOH B O     1 
HETATM 614 O O     . HOH D 3 .  ? -2.020  0.966   2.417   1.00 44.81 ? 53  HOH B O     1 
HETATM 615 O O     . HOH D 3 .  ? 0.434   12.051  -0.735  1.00 28.91 ? 54  HOH B O     1 
HETATM 616 O O     . HOH D 3 .  ? -0.390  -7.253  -3.138  1.00 27.20 ? 55  HOH B O     1 
HETATM 617 O O     . HOH D 3 .  ? 4.368   -10.731 -6.137  1.00 20.89 ? 56  HOH B O     1 
HETATM 618 O O     . HOH D 3 .  ? 6.502   -9.045  -3.488  1.00 30.34 ? 57  HOH B O     1 
HETATM 619 O O     . HOH D 3 .  ? -1.287  3.861   4.833   1.00 39.60 ? 58  HOH B O     1 
HETATM 620 O O     . HOH D 3 .  ? 0.909   -1.611  6.700   1.00 28.19 ? 59  HOH B O     1 
HETATM 621 O O     . HOH D 3 .  ? -4.199  -1.476  -1.102  1.00 24.87 ? 60  HOH B O     1 
HETATM 622 O O     . HOH D 3 .  ? 0.633   -4.262  -0.661  1.00 26.39 ? 61  HOH B O     1 
HETATM 623 O O     . HOH D 3 .  ? 4.718   -9.196  -1.421  1.00 28.21 ? 62  HOH B O     1 
HETATM 624 O O     . HOH D 3 .  ? 0.860   -10.844 -2.373  1.00 28.35 ? 63  HOH B O     1 
HETATM 625 O O     . HOH D 3 .  ? -2.521  -6.218  -0.737  1.00 28.83 ? 64  HOH B O     1 
HETATM 626 O O     . HOH D 3 .  ? -5.054  -5.679  -1.373  1.00 38.62 ? 65  HOH B O     1 
HETATM 627 O O     . HOH D 3 .  ? -4.400  -5.443  1.253   1.00 36.89 ? 66  HOH B O     1 
HETATM 628 O O     . HOH D 3 .  ? 0.031   4.861   -2.540  1.00 39.57 ? 67  HOH B O     1 
HETATM 629 O O     . HOH D 3 .  ? 1.467   6.700   4.409   1.00 29.54 ? 68  HOH B O     1 
HETATM 630 O O     . HOH D 3 .  ? -0.487  0.165   5.682   1.00 25.34 ? 69  HOH B O     1 
HETATM 631 O O     . HOH D 3 .  ? -4.386  -2.626  1.410   1.00 30.42 ? 70  HOH B O     1 
HETATM 632 O O     . HOH D 3 .  ? 1.547   -12.605 -5.301  1.00 45.45 ? 71  HOH B O     1 
HETATM 633 O O     . HOH D 3 .  ? 5.554   -12.870 -2.356  1.00 21.01 ? 72  HOH B O     1 
HETATM 634 O O     . HOH D 3 .  ? 6.387   13.278  9.775   1.00 37.65 ? 73  HOH B O     1 
HETATM 635 O O     . HOH D 3 .  ? 1.184   10.408  11.125  1.00 33.28 ? 74  HOH B O     1 
HETATM 636 O O     . HOH D 3 .  ? -0.804  8.452   12.650  1.00 34.20 ? 75  HOH B O     1 
HETATM 637 O O     . HOH D 3 .  ? -1.392  5.679   12.899  1.00 34.11 ? 76  HOH B O     1 
HETATM 638 O O     . HOH D 3 .  ? 2.240   5.402   12.109  1.00 32.82 ? 77  HOH B O     1 
HETATM 639 O O     . HOH D 3 .  ? 4.813   7.966   11.938  1.00 27.49 ? 78  HOH B O     1 
HETATM 640 O O     . HOH D 3 .  ? -11.444 1.966   1.322   1.00 33.45 ? 79  HOH B O     1 
HETATM 641 O O     . HOH D 3 .  ? -13.232 -2.683  0.415   1.00 31.48 ? 80  HOH B O     1 
HETATM 642 O O     . HOH D 3 .  ? -9.536  -6.221  4.828   1.00 29.26 ? 81  HOH B O     1 
HETATM 643 O O     . HOH D 3 .  ? 1.195   1.114   8.154   1.00 26.11 ? 82  HOH B O     1 
HETATM 644 O O     . HOH D 3 .  ? -5.613  -5.399  5.815   1.00 12.21 ? 83  HOH B O     1 
HETATM 645 O O     . HOH D 3 .  ? 1.478   2.448   11.362  1.00 23.60 ? 84  HOH B O     1 
HETATM 646 O O     . HOH D 3 .  ? 8.114   -13.868 -1.581  1.00 21.96 ? 85  HOH B O     1 
HETATM 647 O O     . HOH D 3 .  ? 11.316  -16.074 -0.200  1.00 36.17 ? 86  HOH B O     1 
HETATM 648 O O     . HOH D 3 .  ? 10.690  -13.550 -3.390  1.00 29.04 ? 87  HOH B O     1 
HETATM 649 O O     . HOH D 3 .  ? 7.495   -4.052  -10.621 1.00 32.17 ? 88  HOH B O     1 
HETATM 650 O O     . HOH D 3 .  ? -0.579  -3.730  -11.755 1.00 29.67 ? 89  HOH B O     1 
HETATM 651 O O     . HOH D 3 .  ? 17.066  -8.056  -0.490  1.00 30.54 ? 90  HOH B O     1 
HETATM 652 O O     . HOH D 3 .  ? 9.180   -12.451 -9.082  1.00 25.41 ? 91  HOH B O     1 
HETATM 653 O O     . HOH D 3 .  ? 5.724   -13.365 -8.942  1.00 39.78 ? 92  HOH B O     1 
HETATM 654 O O     . HOH D 3 .  ? 4.233   -10.038 -13.340 1.00 40.68 ? 93  HOH B O     1 
HETATM 655 O O     . HOH D 3 .  ? 9.148   -1.993  -6.809  1.00 27.12 ? 94  HOH B O     1 
HETATM 656 O O     . HOH D 3 .  ? 10.734  -7.994  -9.574  1.00 38.71 ? 95  HOH B O     1 
HETATM 657 O O     . HOH D 3 .  ? 12.235  -4.635  -6.423  1.00 42.12 ? 96  HOH B O     1 
HETATM 658 O O     . HOH D 3 .  ? 14.350  -6.394  -7.089  1.00 26.78 ? 97  HOH B O     1 
HETATM 659 O O     . HOH D 3 .  ? -4.740  -9.603  -3.535  1.00 33.27 ? 98  HOH B O     1 
HETATM 660 O O     . HOH D 3 .  ? -14.043 -0.413  -2.659  1.00 35.58 ? 99  HOH B O     1 
HETATM 661 O O     . HOH D 3 .  ? -13.304 0.028   6.199   1.00 34.66 ? 100 HOH B O     1 
HETATM 662 O O     . HOH D 3 .  ? -13.724 2.295   4.927   1.00 30.88 ? 101 HOH B O     1 
HETATM 663 O O     . HOH D 3 .  ? -4.220  -13.817 -9.682  1.00 40.88 ? 102 HOH B O     1 
HETATM 664 O O     . HOH D 3 .  ? 7.184   6.636   6.143   1.00 39.12 ? 103 HOH B O     1 
HETATM 665 O O     . HOH D 3 .  ? 0.017   -12.710 -8.801  1.00 20.72 ? 104 HOH B O     1 
HETATM 666 O O     . HOH D 3 .  ? 1.530   -12.800 -11.765 1.00 22.99 ? 105 HOH B O     1 
# 
loop_
_pdbx_poly_seq_scheme.asym_id 
_pdbx_poly_seq_scheme.entity_id 
_pdbx_poly_seq_scheme.seq_id 
_pdbx_poly_seq_scheme.mon_id 
_pdbx_poly_seq_scheme.ndb_seq_num 
_pdbx_poly_seq_scheme.pdb_seq_num 
_pdbx_poly_seq_scheme.auth_seq_num 
_pdbx_poly_seq_scheme.pdb_mon_id 
_pdbx_poly_seq_scheme.auth_mon_id 
_pdbx_poly_seq_scheme.pdb_strand_id 
_pdbx_poly_seq_scheme.pdb_ins_code 
_pdbx_poly_seq_scheme.hetero 
A 1 1  A 1  1  1  A A A . n 
A 1 2  U 2  2  2  U U A . n 
A 1 3  C 3  3  3  C C A . n 
A 1 4  C 4  4  4  C C A . n 
A 1 5  C 5  5  5  C C A . n 
A 1 6  C 6  6  6  C C A . n 
A 1 7  C 7  7  7  C C A . n 
A 1 8  G 8  8  8  G G A . n 
A 1 9  U 9  9  9  U U A . n 
A 1 10 G 10 10 10 G G A . n 
A 1 11 C 11 11 11 C C A . n 
A 1 12 C 12 12 12 C C A . n 
B 2 1  G 1  13 13 G G B . n 
B 2 2  G 2  14 14 G G B . n 
B 2 3  U 3  15 15 U U B . n 
B 2 4  G 4  16 16 G G B . n 
B 2 5  C 5  17 17 C C B . n 
B 2 6  G 6  18 18 G G B . n 
B 2 7  G 7  19 19 G G B . n 
B 2 8  G 8  20 20 G G B . n 
B 2 9  G 9  21 21 G G B . n 
B 2 10 G 10 22 22 G G B . n 
B 2 11 A 11 23 23 A A B . n 
B 2 12 U 12 24 24 U U B . n 
# 
loop_
_pdbx_nonpoly_scheme.asym_id 
_pdbx_nonpoly_scheme.entity_id 
_pdbx_nonpoly_scheme.mon_id 
_pdbx_nonpoly_scheme.ndb_seq_num 
_pdbx_nonpoly_scheme.pdb_seq_num 
_pdbx_nonpoly_scheme.auth_seq_num 
_pdbx_nonpoly_scheme.pdb_mon_id 
_pdbx_nonpoly_scheme.auth_mon_id 
_pdbx_nonpoly_scheme.pdb_strand_id 
_pdbx_nonpoly_scheme.pdb_ins_code 
C 3 HOH 1  13  1  HOH HOH A . 
C 3 HOH 2  14  2  HOH HOH A . 
C 3 HOH 3  15  3  HOH HOH A . 
C 3 HOH 4  16  4  HOH HOH A . 
C 3 HOH 5  17  5  HOH HOH A . 
C 3 HOH 6  18  6  HOH HOH A . 
C 3 HOH 7  19  7  HOH HOH A . 
C 3 HOH 8  20  8  HOH HOH A . 
C 3 HOH 9  21  9  HOH HOH A . 
C 3 HOH 10 22  10 HOH HOH A . 
C 3 HOH 11 23  12 HOH HOH A . 
C 3 HOH 12 24  13 HOH HOH A . 
C 3 HOH 13 25  15 HOH HOH A . 
C 3 HOH 14 26  19 HOH HOH A . 
C 3 HOH 15 27  25 HOH HOH A . 
C 3 HOH 16 28  28 HOH HOH A . 
C 3 HOH 17 29  33 HOH HOH A . 
C 3 HOH 18 30  34 HOH HOH A . 
C 3 HOH 19 31  41 HOH HOH A . 
C 3 HOH 20 32  43 HOH HOH A . 
C 3 HOH 21 33  44 HOH HOH A . 
C 3 HOH 22 34  45 HOH HOH A . 
C 3 HOH 23 35  46 HOH HOH A . 
C 3 HOH 24 36  47 HOH HOH A . 
C 3 HOH 25 37  2  HOH HOH A . 
C 3 HOH 26 38  4  HOH HOH A . 
C 3 HOH 27 39  6  HOH HOH A . 
C 3 HOH 28 40  7  HOH HOH A . 
C 3 HOH 29 41  9  HOH HOH A . 
C 3 HOH 30 42  10 HOH HOH A . 
C 3 HOH 31 43  12 HOH HOH A . 
C 3 HOH 32 44  13 HOH HOH A . 
C 3 HOH 33 45  14 HOH HOH A . 
C 3 HOH 34 46  20 HOH HOH A . 
C 3 HOH 35 47  22 HOH HOH A . 
C 3 HOH 36 48  26 HOH HOH A . 
C 3 HOH 37 49  28 HOH HOH A . 
C 3 HOH 38 50  32 HOH HOH A . 
C 3 HOH 39 51  34 HOH HOH A . 
C 3 HOH 40 52  35 HOH HOH A . 
C 3 HOH 41 53  38 HOH HOH A . 
C 3 HOH 42 54  40 HOH HOH A . 
C 3 HOH 43 55  1  HOH HOH A . 
C 3 HOH 44 56  2  HOH HOH A . 
C 3 HOH 45 57  3  HOH HOH A . 
C 3 HOH 46 58  4  HOH HOH A . 
C 3 HOH 47 59  5  HOH HOH A . 
C 3 HOH 48 60  6  HOH HOH A . 
C 3 HOH 49 61  13 HOH HOH A . 
C 3 HOH 50 62  14 HOH HOH A . 
C 3 HOH 51 63  18 HOH HOH A . 
C 3 HOH 52 64  19 HOH HOH A . 
C 3 HOH 53 65  20 HOH HOH A . 
C 3 HOH 54 66  21 HOH HOH A . 
C 3 HOH 55 67  22 HOH HOH A . 
C 3 HOH 56 68  23 HOH HOH A . 
C 3 HOH 57 69  27 HOH HOH A . 
C 3 HOH 58 70  28 HOH HOH A . 
C 3 HOH 59 71  32 HOH HOH A . 
C 3 HOH 60 72  33 HOH HOH A . 
C 3 HOH 61 73  34 HOH HOH A . 
C 3 HOH 62 74  35 HOH HOH A . 
C 3 HOH 63 75  36 HOH HOH A . 
C 3 HOH 64 76  37 HOH HOH A . 
C 3 HOH 65 77  38 HOH HOH A . 
C 3 HOH 66 78  39 HOH HOH A . 
C 3 HOH 67 79  40 HOH HOH A . 
C 3 HOH 68 80  41 HOH HOH A . 
C 3 HOH 69 81  42 HOH HOH A . 
C 3 HOH 70 82  53 HOH HOH A . 
C 3 HOH 71 83  55 HOH HOH A . 
C 3 HOH 72 84  59 HOH HOH A . 
C 3 HOH 73 85  60 HOH HOH A . 
C 3 HOH 74 86  61 HOH HOH A . 
C 3 HOH 75 87  63 HOH HOH A . 
C 3 HOH 76 88  64 HOH HOH A . 
C 3 HOH 77 89  67 HOH HOH A . 
D 3 HOH 1  25  11 HOH HOH B . 
D 3 HOH 2  26  14 HOH HOH B . 
D 3 HOH 3  27  16 HOH HOH B . 
D 3 HOH 4  28  17 HOH HOH B . 
D 3 HOH 5  29  18 HOH HOH B . 
D 3 HOH 6  30  20 HOH HOH B . 
D 3 HOH 7  31  21 HOH HOH B . 
D 3 HOH 8  32  22 HOH HOH B . 
D 3 HOH 9  33  23 HOH HOH B . 
D 3 HOH 10 34  24 HOH HOH B . 
D 3 HOH 11 35  26 HOH HOH B . 
D 3 HOH 12 36  27 HOH HOH B . 
D 3 HOH 13 37  29 HOH HOH B . 
D 3 HOH 14 38  30 HOH HOH B . 
D 3 HOH 15 39  31 HOH HOH B . 
D 3 HOH 16 40  32 HOH HOH B . 
D 3 HOH 17 41  35 HOH HOH B . 
D 3 HOH 18 42  36 HOH HOH B . 
D 3 HOH 19 43  37 HOH HOH B . 
D 3 HOH 20 44  38 HOH HOH B . 
D 3 HOH 21 45  39 HOH HOH B . 
D 3 HOH 22 46  40 HOH HOH B . 
D 3 HOH 23 47  42 HOH HOH B . 
D 3 HOH 24 48  48 HOH HOH B . 
D 3 HOH 25 49  1  HOH HOH B . 
D 3 HOH 26 50  3  HOH HOH B . 
D 3 HOH 27 51  5  HOH HOH B . 
D 3 HOH 28 52  8  HOH HOH B . 
D 3 HOH 29 53  11 HOH HOH B . 
D 3 HOH 30 54  15 HOH HOH B . 
D 3 HOH 31 55  16 HOH HOH B . 
D 3 HOH 32 56  17 HOH HOH B . 
D 3 HOH 33 57  18 HOH HOH B . 
D 3 HOH 34 58  19 HOH HOH B . 
D 3 HOH 35 59  21 HOH HOH B . 
D 3 HOH 36 60  23 HOH HOH B . 
D 3 HOH 37 61  24 HOH HOH B . 
D 3 HOH 38 62  25 HOH HOH B . 
D 3 HOH 39 63  27 HOH HOH B . 
D 3 HOH 40 64  29 HOH HOH B . 
D 3 HOH 41 65  30 HOH HOH B . 
D 3 HOH 42 66  31 HOH HOH B . 
D 3 HOH 43 67  33 HOH HOH B . 
D 3 HOH 44 68  36 HOH HOH B . 
D 3 HOH 45 69  37 HOH HOH B . 
D 3 HOH 46 70  49 HOH HOH B . 
D 3 HOH 47 71  41 HOH HOH B . 
D 3 HOH 48 72  42 HOH HOH B . 
D 3 HOH 49 73  7  HOH HOH B . 
D 3 HOH 50 74  8  HOH HOH B . 
D 3 HOH 51 75  9  HOH HOH B . 
D 3 HOH 52 76  10 HOH HOH B . 
D 3 HOH 53 77  11 HOH HOH B . 
D 3 HOH 54 78  12 HOH HOH B . 
D 3 HOH 55 79  15 HOH HOH B . 
D 3 HOH 56 80  16 HOH HOH B . 
D 3 HOH 57 81  17 HOH HOH B . 
D 3 HOH 58 82  24 HOH HOH B . 
D 3 HOH 59 83  25 HOH HOH B . 
D 3 HOH 60 84  26 HOH HOH B . 
D 3 HOH 61 85  29 HOH HOH B . 
D 3 HOH 62 86  30 HOH HOH B . 
D 3 HOH 63 87  31 HOH HOH B . 
D 3 HOH 64 88  43 HOH HOH B . 
D 3 HOH 65 89  44 HOH HOH B . 
D 3 HOH 66 90  45 HOH HOH B . 
D 3 HOH 67 91  46 HOH HOH B . 
D 3 HOH 68 92  47 HOH HOH B . 
D 3 HOH 69 93  48 HOH HOH B . 
D 3 HOH 70 94  49 HOH HOH B . 
D 3 HOH 71 95  50 HOH HOH B . 
D 3 HOH 72 96  51 HOH HOH B . 
D 3 HOH 73 97  52 HOH HOH B . 
D 3 HOH 74 98  54 HOH HOH B . 
D 3 HOH 75 99  56 HOH HOH B . 
D 3 HOH 76 100 57 HOH HOH B . 
D 3 HOH 77 101 58 HOH HOH B . 
D 3 HOH 78 102 62 HOH HOH B . 
D 3 HOH 79 103 65 HOH HOH B . 
D 3 HOH 80 104 66 HOH HOH B . 
D 3 HOH 81 105 68 HOH HOH B . 
# 
_pdbx_struct_assembly.id                   1 
_pdbx_struct_assembly.details              author_defined_assembly 
_pdbx_struct_assembly.method_details       ? 
_pdbx_struct_assembly.oligomeric_details   dimeric 
_pdbx_struct_assembly.oligomeric_count     2 
# 
_pdbx_struct_assembly_gen.assembly_id       1 
_pdbx_struct_assembly_gen.oper_expression   1 
_pdbx_struct_assembly_gen.asym_id_list      A,B,C,D 
# 
_pdbx_struct_oper_list.id                   1 
_pdbx_struct_oper_list.type                 'identity operation' 
_pdbx_struct_oper_list.name                 1_555 
_pdbx_struct_oper_list.symmetry_operation   x,y,z 
_pdbx_struct_oper_list.matrix[1][1]         1.0000000000 
_pdbx_struct_oper_list.matrix[1][2]         0.0000000000 
_pdbx_struct_oper_list.matrix[1][3]         0.0000000000 
_pdbx_struct_oper_list.vector[1]            0.0000000000 
_pdbx_struct_oper_list.matrix[2][1]         0.0000000000 
_pdbx_struct_oper_list.matrix[2][2]         1.0000000000 
_pdbx_struct_oper_list.matrix[2][3]         0.0000000000 
_pdbx_struct_oper_list.vector[2]            0.0000000000 
_pdbx_struct_oper_list.matrix[3][1]         0.0000000000 
_pdbx_struct_oper_list.matrix[3][2]         0.0000000000 
_pdbx_struct_oper_list.matrix[3][3]         1.0000000000 
_pdbx_struct_oper_list.vector[3]            0.0000000000 
# 
loop_
_pdbx_audit_revision_history.ordinal 
_pdbx_audit_revision_history.data_content_type 
_pdbx_audit_revision_history.major_revision 
_pdbx_audit_revision_history.minor_revision 
_pdbx_audit_revision_history.revision_date 
1 'Structure model' 1 0 1997-11-10 
2 'Structure model' 1 1 2008-05-22 
3 'Structure model' 1 2 2011-07-13 
4 'Structure model' 1 3 2018-02-14 
5 'Structure model' 1 4 2023-08-02 
# 
_pdbx_audit_revision_details.ordinal             1 
_pdbx_audit_revision_details.revision_ordinal    1 
_pdbx_audit_revision_details.data_content_type   'Structure model' 
_pdbx_audit_revision_details.provider            repository 
_pdbx_audit_revision_details.type                'Initial release' 
_pdbx_audit_revision_details.description         ? 
_pdbx_audit_revision_details.details             ? 
# 
loop_
_pdbx_audit_revision_group.ordinal 
_pdbx_audit_revision_group.revision_ordinal 
_pdbx_audit_revision_group.data_content_type 
_pdbx_audit_revision_group.group 
1 2 'Structure model' 'Version format compliance' 
2 3 'Structure model' 'Version format compliance' 
3 4 'Structure model' 'Data collection'           
4 4 'Structure model' 'Experimental preparation'  
5 5 'Structure model' 'Data collection'           
6 5 'Structure model' 'Database references'       
7 5 'Structure model' 'Refinement description'    
# 
loop_
_pdbx_audit_revision_category.ordinal 
_pdbx_audit_revision_category.revision_ordinal 
_pdbx_audit_revision_category.data_content_type 
_pdbx_audit_revision_category.category 
1 4 'Structure model' diffrn                        
2 4 'Structure model' exptl_crystal_grow            
3 5 'Structure model' database_2                    
4 5 'Structure model' diffrn_source                 
5 5 'Structure model' pdbx_initial_refinement_model 
# 
loop_
_pdbx_audit_revision_item.ordinal 
_pdbx_audit_revision_item.revision_ordinal 
_pdbx_audit_revision_item.data_content_type 
_pdbx_audit_revision_item.item 
1 4 'Structure model' '_diffrn.ambient_temp'                 
2 4 'Structure model' '_exptl_crystal_grow.pdbx_details'     
3 4 'Structure model' '_exptl_crystal_grow.temp'             
4 5 'Structure model' '_database_2.pdbx_DOI'                 
5 5 'Structure model' '_database_2.pdbx_database_accession'  
6 5 'Structure model' '_diffrn_source.pdbx_synchrotron_site' 
# 
loop_
_refine_B_iso.class 
_refine_B_iso.details 
_refine_B_iso.treatment 
_refine_B_iso.pdbx_refine_id 
'ALL ATOMS'  TR isotropic 'X-RAY DIFFRACTION' 
'ALL WATERS' TR isotropic 'X-RAY DIFFRACTION' 
# 
loop_
_refine_occupancy.class 
_refine_occupancy.treatment 
_refine_occupancy.pdbx_refine_id 
'ALL ATOMS'  fix 'X-RAY DIFFRACTION' 
'ALL WATERS' fix 'X-RAY DIFFRACTION' 
# 
loop_
_software.name 
_software.classification 
_software.version 
_software.citation_id 
_software.pdbx_ordinal 
_software.date 
_software.type 
_software.location 
_software.language 
AMoRE  phasing          . ? 1 ? ? ? ? 
NUCLSQ refinement       . ? 2 ? ? ? ? 
XDS    'data reduction' . ? 3 ? ? ? ? 
DENZO  'data reduction' . ? 4 ? ? ? ? 
# 
loop_
_pdbx_validate_rmsd_bond.id 
_pdbx_validate_rmsd_bond.PDB_model_num 
_pdbx_validate_rmsd_bond.auth_atom_id_1 
_pdbx_validate_rmsd_bond.auth_asym_id_1 
_pdbx_validate_rmsd_bond.auth_comp_id_1 
_pdbx_validate_rmsd_bond.auth_seq_id_1 
_pdbx_validate_rmsd_bond.PDB_ins_code_1 
_pdbx_validate_rmsd_bond.label_alt_id_1 
_pdbx_validate_rmsd_bond.auth_atom_id_2 
_pdbx_validate_rmsd_bond.auth_asym_id_2 
_pdbx_validate_rmsd_bond.auth_comp_id_2 
_pdbx_validate_rmsd_bond.auth_seq_id_2 
_pdbx_validate_rmsd_bond.PDB_ins_code_2 
_pdbx_validate_rmsd_bond.label_alt_id_2 
_pdbx_validate_rmsd_bond.bond_value 
_pdbx_validate_rmsd_bond.bond_target_value 
_pdbx_validate_rmsd_bond.bond_deviation 
_pdbx_validate_rmsd_bond.bond_standard_deviation 
_pdbx_validate_rmsd_bond.linker_flag 
1  1 "C5'" A C 7  ? ? "C4'" A C 7  ? ? 1.583 1.509 0.074  0.012 N 
2  1 N7    A G 8  ? ? C8    A G 8  ? ? 1.492 1.305 0.187  0.006 N 
3  1 C8    A G 8  ? ? N9    A G 8  ? ? 1.479 1.374 0.105  0.007 N 
4  1 "O3'" B G 13 ? ? P     B G 14 ? ? 1.810 1.607 0.203  0.012 Y 
5  1 P     B G 14 ? ? OP2   B G 14 ? ? 1.595 1.485 0.110  0.017 N 
6  1 P     B G 14 ? ? "O5'" B G 14 ? ? 1.749 1.593 0.156  0.010 N 
7  1 "C5'" B G 14 ? ? "C4'" B G 14 ? ? 1.466 1.508 -0.042 0.007 N 
8  1 "C5'" B U 15 ? ? "C4'" B U 15 ? ? 1.589 1.509 0.080  0.012 N 
9  1 N7    B G 16 ? ? C8    B G 16 ? ? 1.458 1.305 0.153  0.006 N 
10 1 C8    B G 16 ? ? N9    B G 16 ? ? 1.422 1.374 0.048  0.007 N 
11 1 N7    B G 18 ? ? C8    B G 18 ? ? 1.378 1.305 0.073  0.006 N 
12 1 "O4'" B G 19 ? ? "C1'" B G 19 ? ? 1.574 1.415 0.159  0.012 N 
13 1 "C1'" B G 19 ? ? N9    B G 19 ? ? 1.280 1.464 -0.184 0.014 N 
14 1 N7    B G 19 ? ? C8    B G 19 ? ? 1.464 1.305 0.159  0.006 N 
15 1 C8    B G 19 ? ? N9    B G 19 ? ? 1.451 1.374 0.077  0.007 N 
16 1 N7    B A 23 ? ? C8    B A 23 ? ? 1.473 1.311 0.162  0.007 N 
17 1 C8    B A 23 ? ? N9    B A 23 ? ? 1.473 1.373 0.100  0.008 N 
# 
loop_
_pdbx_validate_rmsd_angle.id 
_pdbx_validate_rmsd_angle.PDB_model_num 
_pdbx_validate_rmsd_angle.auth_atom_id_1 
_pdbx_validate_rmsd_angle.auth_asym_id_1 
_pdbx_validate_rmsd_angle.auth_comp_id_1 
_pdbx_validate_rmsd_angle.auth_seq_id_1 
_pdbx_validate_rmsd_angle.PDB_ins_code_1 
_pdbx_validate_rmsd_angle.label_alt_id_1 
_pdbx_validate_rmsd_angle.auth_atom_id_2 
_pdbx_validate_rmsd_angle.auth_asym_id_2 
_pdbx_validate_rmsd_angle.auth_comp_id_2 
_pdbx_validate_rmsd_angle.auth_seq_id_2 
_pdbx_validate_rmsd_angle.PDB_ins_code_2 
_pdbx_validate_rmsd_angle.label_alt_id_2 
_pdbx_validate_rmsd_angle.auth_atom_id_3 
_pdbx_validate_rmsd_angle.auth_asym_id_3 
_pdbx_validate_rmsd_angle.auth_comp_id_3 
_pdbx_validate_rmsd_angle.auth_seq_id_3 
_pdbx_validate_rmsd_angle.PDB_ins_code_3 
_pdbx_validate_rmsd_angle.label_alt_id_3 
_pdbx_validate_rmsd_angle.angle_value 
_pdbx_validate_rmsd_angle.angle_target_value 
_pdbx_validate_rmsd_angle.angle_deviation 
_pdbx_validate_rmsd_angle.angle_standard_deviation 
_pdbx_validate_rmsd_angle.linker_flag 
1  1 "C3'" A A 1  ? ? "C2'" A A 1  ? ? "C1'" A A 1  ? ? 95.15  101.30 -6.15  0.70 N 
2  1 "O4'" A A 1  ? ? "C1'" A A 1  ? ? N9    A A 1  ? ? 113.88 108.50 5.38   0.70 N 
3  1 "C5'" A U 2  ? ? "C4'" A U 2  ? ? "O4'" A U 2  ? ? 118.19 109.80 8.39   0.90 N 
4  1 N1    A U 2  ? ? C2    A U 2  ? ? O2    A U 2  ? ? 129.45 122.80 6.65   0.70 N 
5  1 N3    A U 2  ? ? C2    A U 2  ? ? O2    A U 2  ? ? 113.84 122.20 -8.36  0.70 N 
6  1 "C3'" A C 3  ? ? "O3'" A C 3  ? ? P     A C 4  ? ? 129.32 119.70 9.62   1.20 Y 
7  1 "O3'" A C 5  ? ? P     A C 6  ? ? "O5'" A C 6  ? ? 90.99  104.00 -13.01 1.90 Y 
8  1 "O4'" A C 6  ? ? "C4'" A C 6  ? ? "C3'" A C 6  ? ? 96.80  104.00 -7.20  1.00 N 
9  1 N1    A C 6  ? ? C2    A C 6  ? ? O2    A C 6  ? ? 126.39 118.90 7.49   0.60 N 
10 1 N3    A C 6  ? ? C2    A C 6  ? ? O2    A C 6  ? ? 115.54 121.90 -6.36  0.70 N 
11 1 P     A C 7  ? ? "O5'" A C 7  ? ? "C5'" A C 7  ? ? 130.54 120.90 9.64   1.60 N 
12 1 N1    A C 7  ? ? C2    A C 7  ? ? O2    A C 7  ? ? 123.38 118.90 4.48   0.60 N 
13 1 N3    A C 7  ? ? C2    A C 7  ? ? O2    A C 7  ? ? 117.33 121.90 -4.57  0.70 N 
14 1 "C5'" A G 8  ? ? "C4'" A G 8  ? ? "C3'" A G 8  ? ? 103.08 115.20 -12.12 1.40 N 
15 1 "C5'" A G 8  ? ? "C4'" A G 8  ? ? "O4'" A G 8  ? ? 116.49 109.80 6.69   0.90 N 
16 1 "C1'" A G 8  ? ? "O4'" A G 8  ? ? "C4'" A G 8  ? ? 105.30 109.70 -4.40  0.70 N 
17 1 C5    A G 8  ? ? N7    A G 8  ? ? C8    A G 8  ? ? 109.50 104.30 5.20   0.50 N 
18 1 N7    A G 8  ? ? C8    A G 8  ? ? N9    A G 8  ? ? 97.89  113.10 -15.21 0.50 N 
19 1 C8    A G 8  ? ? N9    A G 8  ? ? C4    A G 8  ? ? 115.25 106.40 8.85   0.40 N 
20 1 "C3'" A G 8  ? ? "O3'" A G 8  ? ? P     A U 9  ? ? 127.16 119.70 7.46   1.20 Y 
21 1 "C3'" A U 9  ? ? "C2'" A U 9  ? ? "C1'" A U 9  ? ? 96.39  101.30 -4.91  0.70 N 
22 1 "O4'" A U 9  ? ? "C1'" A U 9  ? ? N1    A U 9  ? ? 115.82 108.50 7.32   0.70 N 
23 1 N1    A U 9  ? ? C2    A U 9  ? ? N3    A U 9  ? ? 118.71 114.90 3.81   0.60 N 
24 1 N3    A U 9  ? ? C2    A U 9  ? ? O2    A U 9  ? ? 116.74 122.20 -5.46  0.70 N 
25 1 C5    A U 9  ? ? C4    A U 9  ? ? O4    A U 9  ? ? 129.79 125.90 3.89   0.60 N 
26 1 "C5'" A G 10 ? ? "C4'" A G 10 ? ? "O4'" A G 10 ? ? 117.88 109.80 8.08   0.90 N 
27 1 "O4'" A G 10 ? ? "C1'" A G 10 ? ? N9    A G 10 ? ? 117.16 108.50 8.66   0.70 N 
28 1 N1    A C 11 ? ? C2    A C 11 ? ? O2    A C 11 ? ? 123.64 118.90 4.74   0.60 N 
29 1 "C5'" A C 12 ? ? "C4'" A C 12 ? ? "C3'" A C 12 ? ? 105.48 115.20 -9.72  1.40 N 
30 1 N1    A C 12 ? ? C2    A C 12 ? ? O2    A C 12 ? ? 122.84 118.90 3.94   0.60 N 
31 1 "O3'" B G 13 ? ? P     B G 14 ? ? "O5'" B G 14 ? ? 88.25  104.00 -15.75 1.90 Y 
32 1 "O3'" B G 13 ? ? P     B G 14 ? ? OP2   B G 14 ? ? 124.21 110.50 13.71  1.10 Y 
33 1 "O3'" B G 13 ? ? P     B G 14 ? ? OP1   B G 14 ? ? 82.18  105.20 -23.02 2.20 Y 
34 1 "O5'" B G 14 ? ? P     B G 14 ? ? OP1   B G 14 ? ? 87.82  105.70 -17.88 0.90 N 
35 1 "O5'" B G 14 ? ? P     B G 14 ? ? OP2   B G 14 ? ? 142.82 110.70 32.12  1.20 N 
36 1 P     B G 14 ? ? "O5'" B G 14 ? ? "C5'" B G 14 ? ? 100.43 120.90 -20.47 1.60 N 
37 1 "C5'" B G 14 ? ? "C4'" B G 14 ? ? "C3'" B G 14 ? ? 101.69 115.20 -13.51 1.40 N 
38 1 N3    B U 15 ? ? C2    B U 15 ? ? O2    B U 15 ? ? 117.47 122.20 -4.73  0.70 N 
39 1 "C4'" B G 16 ? ? "C3'" B G 16 ? ? "C2'" B G 16 ? ? 95.07  102.60 -7.53  1.00 N 
40 1 C5    B G 16 ? ? N7    B G 16 ? ? C8    B G 16 ? ? 107.32 104.30 3.02   0.50 N 
41 1 N7    B G 16 ? ? C8    B G 16 ? ? N9    B G 16 ? ? 103.76 113.10 -9.34  0.50 N 
42 1 C8    B G 16 ? ? N9    B G 16 ? ? C4    B G 16 ? ? 111.11 106.40 4.71   0.40 N 
43 1 N1    B C 17 ? ? C2    B C 17 ? ? O2    B C 17 ? ? 123.48 118.90 4.58   0.60 N 
44 1 N3    B C 17 ? ? C2    B C 17 ? ? O2    B C 17 ? ? 116.54 121.90 -5.36  0.70 N 
45 1 P     B G 18 ? ? "O5'" B G 18 ? ? "C5'" B G 18 ? ? 133.93 120.90 13.03  1.60 N 
46 1 "C4'" B G 18 ? ? "C3'" B G 18 ? ? "O3'" B G 18 ? ? 126.80 113.00 13.80  2.00 N 
47 1 "O4'" B G 18 ? ? "C1'" B G 18 ? ? N9    B G 18 ? ? 98.27  108.20 -9.93  0.80 N 
48 1 N7    B G 18 ? ? C8    B G 18 ? ? N9    B G 18 ? ? 107.14 113.10 -5.96  0.50 N 
49 1 C8    B G 18 ? ? N9    B G 18 ? ? C4    B G 18 ? ? 109.24 106.40 2.84   0.40 N 
50 1 C4    B G 18 ? ? N9    B G 18 ? ? "C1'" B G 18 ? ? 112.49 126.50 -14.01 1.30 N 
51 1 "C3'" B G 18 ? ? "O3'" B G 18 ? ? P     B G 19 ? ? 132.44 119.70 12.74  1.20 Y 
52 1 "C1'" B G 19 ? ? "O4'" B G 19 ? ? "C4'" B G 19 ? ? 98.03  109.70 -11.67 0.70 N 
53 1 "O4'" B G 19 ? ? "C1'" B G 19 ? ? N9    B G 19 ? ? 99.74  108.20 -8.46  0.80 N 
54 1 C5    B G 19 ? ? N7    B G 19 ? ? C8    B G 19 ? ? 109.19 104.30 4.89   0.50 N 
55 1 N7    B G 19 ? ? C8    B G 19 ? ? N9    B G 19 ? ? 99.05  113.10 -14.05 0.50 N 
56 1 C8    B G 19 ? ? N9    B G 19 ? ? C4    B G 19 ? ? 115.12 106.40 8.72   0.40 N 
57 1 C4    B G 19 ? ? N9    B G 19 ? ? "C1'" B G 19 ? ? 116.44 126.50 -10.06 1.30 N 
58 1 "O4'" B G 21 ? ? "C1'" B G 21 ? ? N9    B G 21 ? ? 114.42 108.50 5.92   0.70 N 
59 1 N1    B G 21 ? ? C6    B G 21 ? ? O6    B G 21 ? ? 115.87 119.90 -4.03  0.60 N 
60 1 "C5'" B G 22 ? ? "C4'" B G 22 ? ? "O4'" B G 22 ? ? 116.81 109.80 7.01   0.90 N 
61 1 "O3'" B G 22 ? ? P     B A 23 ? ? "O5'" B A 23 ? ? 91.84  104.00 -12.16 1.90 Y 
62 1 "C5'" B A 23 ? ? "C4'" B A 23 ? ? "C3'" B A 23 ? ? 103.33 115.20 -11.87 1.40 N 
63 1 C5    B A 23 ? ? N7    B A 23 ? ? C8    B A 23 ? ? 107.95 103.90 4.05   0.50 N 
64 1 N7    B A 23 ? ? C8    B A 23 ? ? N9    B A 23 ? ? 100.12 113.80 -13.68 0.50 N 
65 1 C8    B A 23 ? ? N9    B A 23 ? ? C4    B A 23 ? ? 113.80 105.80 8.00   0.40 N 
66 1 N1    B U 24 ? ? C2    B U 24 ? ? O2    B U 24 ? ? 127.11 122.80 4.31   0.70 N 
# 
loop_
_pdbx_validate_planes.id 
_pdbx_validate_planes.PDB_model_num 
_pdbx_validate_planes.auth_comp_id 
_pdbx_validate_planes.auth_asym_id 
_pdbx_validate_planes.auth_seq_id 
_pdbx_validate_planes.PDB_ins_code 
_pdbx_validate_planes.label_alt_id 
_pdbx_validate_planes.rmsd 
_pdbx_validate_planes.type 
1  1 U A 2  ? ? 0.077 'SIDE CHAIN' 
2  1 C A 3  ? ? 0.082 'SIDE CHAIN' 
3  1 C A 4  ? ? 0.079 'SIDE CHAIN' 
4  1 C A 6  ? ? 0.142 'SIDE CHAIN' 
5  1 C A 7  ? ? 0.091 'SIDE CHAIN' 
6  1 G A 8  ? ? 0.080 'SIDE CHAIN' 
7  1 U A 9  ? ? 0.110 'SIDE CHAIN' 
8  1 G A 10 ? ? 0.075 'SIDE CHAIN' 
9  1 C A 11 ? ? 0.075 'SIDE CHAIN' 
10 1 C A 12 ? ? 0.175 'SIDE CHAIN' 
11 1 G B 13 ? ? 0.086 'SIDE CHAIN' 
12 1 G B 14 ? ? 0.102 'SIDE CHAIN' 
13 1 G B 16 ? ? 0.146 'SIDE CHAIN' 
14 1 C B 17 ? ? 0.085 'SIDE CHAIN' 
15 1 G B 18 ? ? 0.176 'SIDE CHAIN' 
16 1 G B 19 ? ? 0.079 'SIDE CHAIN' 
17 1 G B 20 ? ? 0.095 'SIDE CHAIN' 
18 1 G B 21 ? ? 0.157 'SIDE CHAIN' 
19 1 G B 22 ? ? 0.181 'SIDE CHAIN' 
20 1 A B 23 ? ? 0.078 'SIDE CHAIN' 
21 1 U B 24 ? ? 0.130 'SIDE CHAIN' 
# 
_pdbx_validate_polymer_linkage.id               1 
_pdbx_validate_polymer_linkage.PDB_model_num    1 
_pdbx_validate_polymer_linkage.auth_atom_id_1   "O3'" 
_pdbx_validate_polymer_linkage.auth_asym_id_1   B 
_pdbx_validate_polymer_linkage.auth_comp_id_1   G 
_pdbx_validate_polymer_linkage.auth_seq_id_1    13 
_pdbx_validate_polymer_linkage.PDB_ins_code_1   ? 
_pdbx_validate_polymer_linkage.label_alt_id_1   ? 
_pdbx_validate_polymer_linkage.auth_atom_id_2   P 
_pdbx_validate_polymer_linkage.auth_asym_id_2   B 
_pdbx_validate_polymer_linkage.auth_comp_id_2   G 
_pdbx_validate_polymer_linkage.auth_seq_id_2    14 
_pdbx_validate_polymer_linkage.PDB_ins_code_2   ? 
_pdbx_validate_polymer_linkage.label_alt_id_2   ? 
_pdbx_validate_polymer_linkage.dist             1.81 
# 
loop_
_ndb_struct_conf_na.entry_id 
_ndb_struct_conf_na.feature 
353D 'a-form double helix'  
353D 'mismatched base pair' 
# 
loop_
_ndb_struct_na_base_pair.model_number 
_ndb_struct_na_base_pair.i_label_asym_id 
_ndb_struct_na_base_pair.i_label_comp_id 
_ndb_struct_na_base_pair.i_label_seq_id 
_ndb_struct_na_base_pair.i_symmetry 
_ndb_struct_na_base_pair.j_label_asym_id 
_ndb_struct_na_base_pair.j_label_comp_id 
_ndb_struct_na_base_pair.j_label_seq_id 
_ndb_struct_na_base_pair.j_symmetry 
_ndb_struct_na_base_pair.shear 
_ndb_struct_na_base_pair.stretch 
_ndb_struct_na_base_pair.stagger 
_ndb_struct_na_base_pair.buckle 
_ndb_struct_na_base_pair.propeller 
_ndb_struct_na_base_pair.opening 
_ndb_struct_na_base_pair.pair_number 
_ndb_struct_na_base_pair.pair_name 
_ndb_struct_na_base_pair.i_auth_asym_id 
_ndb_struct_na_base_pair.i_auth_seq_id 
_ndb_struct_na_base_pair.i_PDB_ins_code 
_ndb_struct_na_base_pair.j_auth_asym_id 
_ndb_struct_na_base_pair.j_auth_seq_id 
_ndb_struct_na_base_pair.j_PDB_ins_code 
_ndb_struct_na_base_pair.hbond_type_28 
_ndb_struct_na_base_pair.hbond_type_12 
1 A A 1  1_555 B U 12 1_555 -0.834 0.224  0.700  12.584 -19.414 6.454   1  A_A1:U24_B  A 1  ? B 24 ? ?  1 
1 A U 2  1_555 B A 11 1_555 -1.006 -0.446 -0.498 4.704  -11.716 -4.572  2  A_U2:A23_B  A 2  ? B 23 ? 20 1 
1 A C 3  1_555 B G 10 1_555 1.743  -0.638 -0.043 -2.974 -13.361 -2.211  3  A_C3:G22_B  A 3  ? B 22 ? 19 1 
1 A C 4  1_555 B G 9  1_555 0.595  -0.615 -0.380 7.129  -12.435 -5.848  4  A_C4:G21_B  A 4  ? B 21 ? 19 1 
1 A C 5  1_555 B G 8  1_555 0.693  0.098  0.208  -7.370 -28.220 8.151   5  A_C5:G20_B  A 5  ? B 20 ? 19 1 
1 A C 6  1_555 B G 7  1_555 0.146  -0.074 -0.697 11.417 -12.279 -0.156  6  A_C6:G19_B  A 6  ? B 19 ? 19 1 
1 A C 7  1_555 B G 6  1_555 -0.145 -0.300 0.136  3.916  -16.858 -3.364  7  A_C7:G18_B  A 7  ? B 18 ? 19 1 
1 A G 8  1_555 B C 5  1_555 -1.698 -0.144 -0.073 4.827  -4.223  1.852   8  A_G8:C17_B  A 8  ? B 17 ? ?  1 
1 A U 9  1_555 B G 4  1_555 -1.178 -0.120 -0.613 3.979  -13.928 1.928   9  A_U9:G16_B  A 9  ? B 16 ? ?  1 
1 A G 10 1_555 B U 3  1_555 -1.410 -0.429 -0.340 -6.614 -19.636 -6.501  10 A_G10:U15_B A 10 ? B 15 ? 28 1 
1 A C 11 1_555 B G 2  1_555 0.780  -0.472 -0.322 0.433  -6.809  -15.858 11 A_C11:G14_B A 11 ? B 14 ? ?  1 
1 A C 12 1_555 B G 1  1_555 0.778  -0.404 -0.357 7.697  -19.154 3.176   12 A_C12:G13_B A 12 ? B 13 ? 19 1 
# 
loop_
_ndb_struct_na_base_pair_step.model_number 
_ndb_struct_na_base_pair_step.i_label_asym_id_1 
_ndb_struct_na_base_pair_step.i_label_comp_id_1 
_ndb_struct_na_base_pair_step.i_label_seq_id_1 
_ndb_struct_na_base_pair_step.i_symmetry_1 
_ndb_struct_na_base_pair_step.j_label_asym_id_1 
_ndb_struct_na_base_pair_step.j_label_comp_id_1 
_ndb_struct_na_base_pair_step.j_label_seq_id_1 
_ndb_struct_na_base_pair_step.j_symmetry_1 
_ndb_struct_na_base_pair_step.i_label_asym_id_2 
_ndb_struct_na_base_pair_step.i_label_comp_id_2 
_ndb_struct_na_base_pair_step.i_label_seq_id_2 
_ndb_struct_na_base_pair_step.i_symmetry_2 
_ndb_struct_na_base_pair_step.j_label_asym_id_2 
_ndb_struct_na_base_pair_step.j_label_comp_id_2 
_ndb_struct_na_base_pair_step.j_label_seq_id_2 
_ndb_struct_na_base_pair_step.j_symmetry_2 
_ndb_struct_na_base_pair_step.shift 
_ndb_struct_na_base_pair_step.slide 
_ndb_struct_na_base_pair_step.rise 
_ndb_struct_na_base_pair_step.tilt 
_ndb_struct_na_base_pair_step.roll 
_ndb_struct_na_base_pair_step.twist 
_ndb_struct_na_base_pair_step.x_displacement 
_ndb_struct_na_base_pair_step.y_displacement 
_ndb_struct_na_base_pair_step.helical_rise 
_ndb_struct_na_base_pair_step.inclination 
_ndb_struct_na_base_pair_step.tip 
_ndb_struct_na_base_pair_step.helical_twist 
_ndb_struct_na_base_pair_step.step_number 
_ndb_struct_na_base_pair_step.step_name 
_ndb_struct_na_base_pair_step.i_auth_asym_id_1 
_ndb_struct_na_base_pair_step.i_auth_seq_id_1 
_ndb_struct_na_base_pair_step.i_PDB_ins_code_1 
_ndb_struct_na_base_pair_step.j_auth_asym_id_1 
_ndb_struct_na_base_pair_step.j_auth_seq_id_1 
_ndb_struct_na_base_pair_step.j_PDB_ins_code_1 
_ndb_struct_na_base_pair_step.i_auth_asym_id_2 
_ndb_struct_na_base_pair_step.i_auth_seq_id_2 
_ndb_struct_na_base_pair_step.i_PDB_ins_code_2 
_ndb_struct_na_base_pair_step.j_auth_asym_id_2 
_ndb_struct_na_base_pair_step.j_auth_seq_id_2 
_ndb_struct_na_base_pair_step.j_PDB_ins_code_2 
1 A A 1  1_555 B U 12 1_555 A U 2  1_555 B A 11 1_555 -0.943 -2.292 3.569 3.875   5.471  31.223 -5.176 2.429  2.998 10.020 -7.097  
31.917 1  AA_A1U2:A23U24_BB   A 1  ? B 24 ? A 2  ? B 23 ? 
1 A U 2  1_555 B A 11 1_555 A C 3  1_555 B G 10 1_555 0.613  -0.235 3.632 -0.038  8.003  39.987 -1.314 -0.885 3.522 11.563 0.055   
40.748 2  AA_U2C3:G22A23_BB   A 2  ? B 23 ? A 3  ? B 22 ? 
1 A C 3  1_555 B G 10 1_555 A C 4  1_555 B G 9  1_555 0.624  -1.763 2.729 9.645   14.596 36.679 -3.794 -0.077 2.010 21.741 -14.367 
40.507 3  AA_C3C4:G21G22_BB   A 3  ? B 22 ? A 4  ? B 21 ? 
1 A C 4  1_555 B G 9  1_555 A C 5  1_555 B G 8  1_555 0.623  -1.798 3.674 0.859   10.485 26.005 -6.251 -1.078 2.772 22.180 -1.818  
28.018 4  AA_C4C5:G20G21_BB   A 4  ? B 21 ? A 5  ? B 20 ? 
1 A C 5  1_555 B G 8  1_555 A C 6  1_555 B G 7  1_555 -0.309 -2.014 2.782 7.415   15.627 30.261 -5.044 1.310  1.483 27.312 -12.960 
34.755 5  AA_C5C6:G19G20_BB   A 5  ? B 20 ? A 6  ? B 19 ? 
1 A C 6  1_555 B G 7  1_555 A C 7  1_555 B G 6  1_555 -0.416 -1.530 3.609 -13.632 21.305 27.592 -5.204 -1.147 1.985 36.436 23.314  
37.264 6  AA_C6C7:G18G19_BB   A 6  ? B 19 ? A 7  ? B 18 ? 
1 A C 7  1_555 B G 6  1_555 A G 8  1_555 B C 5  1_555 0.538  -1.074 2.999 -0.469  11.454 26.677 -4.298 -1.163 2.339 23.493 0.963   
28.994 7  AA_C7G8:C17G18_BB   A 7  ? B 18 ? A 8  ? B 17 ? 
1 A G 8  1_555 B C 5  1_555 A U 9  1_555 B G 4  1_555 0.472  -2.179 3.434 5.806   3.570  30.099 -4.811 0.272  3.193 6.766  -11.003 
30.844 8  AA_G8U9:G16C17_BB   A 8  ? B 17 ? A 9  ? B 16 ? 
1 A U 9  1_555 B G 4  1_555 A G 10 1_555 B U 3  1_555 0.152  -1.420 3.618 -3.849  15.707 31.550 -4.680 -0.823 2.608 26.798 6.566   
35.360 9  AA_U9G10:U15G16_BB  A 9  ? B 16 ? A 10 ? B 15 ? 
1 A G 10 1_555 B U 3  1_555 A C 11 1_555 B G 2  1_555 -0.285 -1.456 3.198 -0.587  5.571  44.871 -2.368 0.320  3.009 7.265  0.765   
45.201 10 AA_G10C11:G14U15_BB A 10 ? B 15 ? A 11 ? B 14 ? 
1 A C 11 1_555 B G 2  1_555 A C 12 1_555 B G 1  1_555 1.258  -1.203 3.173 6.492   2.846  29.929 -2.824 -1.108 3.242 5.415  -12.354 
30.739 11 AA_C11C12:G13G14_BB A 11 ? B 14 ? A 12 ? B 13 ? 
# 
_pdbx_entity_nonpoly.entity_id   3 
_pdbx_entity_nonpoly.name        water 
_pdbx_entity_nonpoly.comp_id     HOH 
# 
_pdbx_initial_refinement_model.id               1 
_pdbx_initial_refinement_model.entity_id_list   ? 
_pdbx_initial_refinement_model.type             'experimental model' 
_pdbx_initial_refinement_model.source_name      PDB 
_pdbx_initial_refinement_model.accession_code   1RNA 
_pdbx_initial_refinement_model.details          'NDB ENTRY ARN035 (PDB ENTRY 1RNA)' 
# 
